data_2P0U
#
_entry.id   2P0U
#
_cell.length_a   129.270
_cell.length_b   133.200
_cell.length_c   53.490
_cell.angle_alpha   90.00
_cell.angle_beta   90.00
_cell.angle_gamma   90.00
#
_symmetry.space_group_name_H-M   'P 21 21 2'
#
loop_
_entity.id
_entity.type
_entity.pdbx_description
1 polymer 'Stilbenecarboxylate synthase 2'
2 non-polymer 'SULFATE ION'
3 non-polymer GLYCEROL
4 non-polymer 'NICKEL (II) ION'
5 water water
#
_entity_poly.entity_id   1
_entity_poly.type   'polypeptide(L)'
_entity_poly.pdbx_seq_one_letter_code
;MKHHHHHHHHGGLVPRGSHGGSSRSRLIAQAVGPATVLAMGKAVPANVFEQATYPDFFFNITNSNDKPALKAKFQRICDK
SGIKKRHFYLDQKILESNPAMCTYMETSLNCRQEIAVAQVPKLAKEASMNAIKEWGRPKSEITHIVMATTSGVNMPGAEL
ATAKLLGLRPNVRRVMMYQQG(CSD)FAGATVLRVAKDLAENNAGARVLAICSEVTAVTFRAPSETHIDGLVGSALFGDG
AAAVIVGSDPRPGIERPIYEMHWAGEMVLPESDGAIDGHLTEAGLVFHLLKDVPGLITKNIGGFLKDTKNLVGASSWNEL
FWAVHPGGPAILDQVEAKLELEKGKFQASRDILSDYGNMSSASVLFVLDRVRERSLESNKSTFGEGSEWGFLIGFGPGLT
VETLLLRALPLQQAERV
;
_entity_poly.pdbx_strand_id   A,B
#
loop_
_chem_comp.id
_chem_comp.type
_chem_comp.name
_chem_comp.formula
GOL non-polymer GLYCEROL 'C3 H8 O3'
NI non-polymer 'NICKEL (II) ION' 'Ni 2'
SO4 non-polymer 'SULFATE ION' 'O4 S -2'
#
# COMPACT_ATOMS: atom_id res chain seq x y z
N HIS A 8 -18.77 23.07 11.16
CA HIS A 8 -19.23 24.20 12.01
C HIS A 8 -20.34 23.72 12.94
N HIS A 9 -20.45 24.32 14.11
CA HIS A 9 -21.46 23.94 15.08
C HIS A 9 -22.81 24.64 14.86
N HIS A 10 -22.78 25.79 14.19
CA HIS A 10 -23.99 26.55 13.91
C HIS A 10 -24.77 26.87 15.19
N GLY A 11 -24.05 27.09 16.28
CA GLY A 11 -24.71 27.39 17.54
C GLY A 11 -24.69 26.15 18.42
N GLY A 12 -24.65 24.99 17.77
CA GLY A 12 -24.59 23.71 18.46
C GLY A 12 -25.82 23.25 19.21
N LEU A 13 -26.98 23.82 18.90
CA LEU A 13 -28.21 23.43 19.60
C LEU A 13 -28.81 22.10 19.15
N VAL A 14 -28.60 21.73 17.89
CA VAL A 14 -29.14 20.49 17.35
C VAL A 14 -28.08 19.83 16.47
N PRO A 15 -26.95 19.42 17.06
CA PRO A 15 -25.83 18.80 16.35
C PRO A 15 -26.16 17.51 15.60
N ARG A 16 -27.15 16.76 16.07
CA ARG A 16 -27.52 15.52 15.39
C ARG A 16 -28.18 15.81 14.04
N GLY A 17 -28.65 17.03 13.85
CA GLY A 17 -29.32 17.35 12.60
C GLY A 17 -28.71 18.44 11.73
N SER A 18 -27.87 19.30 12.32
CA SER A 18 -27.28 20.39 11.55
C SER A 18 -25.96 20.05 10.85
N HIS A 19 -25.40 18.87 11.10
CA HIS A 19 -24.15 18.51 10.45
C HIS A 19 -24.42 18.27 8.96
N GLY A 20 -23.37 18.32 8.14
CA GLY A 20 -23.55 18.15 6.70
C GLY A 20 -23.61 16.73 6.15
N GLY A 21 -23.62 15.74 7.03
CA GLY A 21 -23.66 14.36 6.58
C GLY A 21 -25.04 13.83 6.24
N SER A 22 -25.22 13.42 4.98
CA SER A 22 -26.50 12.85 4.53
C SER A 22 -26.22 12.00 3.29
N SER A 23 -27.26 11.41 2.73
CA SER A 23 -27.10 10.57 1.55
C SER A 23 -26.59 11.36 0.35
N ARG A 24 -26.79 12.67 0.37
CA ARG A 24 -26.37 13.51 -0.74
C ARG A 24 -25.33 14.57 -0.38
N SER A 25 -24.85 14.56 0.86
CA SER A 25 -23.85 15.54 1.27
C SER A 25 -22.86 14.91 2.23
N ARG A 26 -21.73 15.59 2.42
CA ARG A 26 -20.70 15.05 3.29
C ARG A 26 -20.46 15.76 4.60
N LEU A 27 -20.17 14.95 5.62
CA LEU A 27 -19.90 15.44 6.97
C LEU A 27 -18.68 16.35 6.96
N ILE A 28 -17.62 15.90 6.31
CA ILE A 28 -16.37 16.64 6.22
C ILE A 28 -16.14 17.04 4.76
N ALA A 29 -15.88 18.33 4.55
CA ALA A 29 -15.69 18.88 3.21
C ALA A 29 -14.45 18.39 2.45
N GLN A 30 -14.59 18.35 1.12
CA GLN A 30 -13.50 17.95 0.25
C GLN A 30 -12.88 19.25 -0.27
N ALA A 31 -11.76 19.16 -0.98
CA ALA A 31 -11.12 20.35 -1.52
C ALA A 31 -11.80 20.76 -2.81
N VAL A 32 -11.48 21.95 -3.31
CA VAL A 32 -12.07 22.44 -4.54
C VAL A 32 -11.18 22.28 -5.77
N GLY A 33 -9.97 22.80 -5.69
CA GLY A 33 -9.07 22.73 -6.83
C GLY A 33 -8.30 21.43 -6.99
N PRO A 34 -7.53 21.31 -8.08
CA PRO A 34 -6.75 20.11 -8.35
C PRO A 34 -5.62 20.00 -7.33
N ALA A 35 -5.19 18.78 -7.05
CA ALA A 35 -4.09 18.58 -6.11
C ALA A 35 -2.84 19.20 -6.76
N THR A 36 -2.03 19.90 -5.98
CA THR A 36 -0.83 20.52 -6.55
C THR A 36 0.43 20.09 -5.84
N VAL A 37 1.55 20.14 -6.56
CA VAL A 37 2.84 19.82 -5.98
C VAL A 37 3.30 21.16 -5.39
N LEU A 38 3.43 21.20 -4.06
CA LEU A 38 3.83 22.42 -3.36
C LEU A 38 5.31 22.51 -3.01
N ALA A 39 5.98 21.36 -3.03
CA ALA A 39 7.40 21.29 -2.71
C ALA A 39 7.93 19.90 -3.02
N MET A 40 9.24 19.81 -3.26
CA MET A 40 9.88 18.54 -3.57
C MET A 40 11.27 18.50 -2.93
N GLY A 41 11.60 17.40 -2.28
CA GLY A 41 12.91 17.25 -1.67
C GLY A 41 13.50 15.88 -1.94
N LYS A 42 14.82 15.76 -1.86
CA LYS A 42 15.45 14.47 -2.10
C LYS A 42 16.65 14.27 -1.20
N ALA A 43 17.14 13.03 -1.16
CA ALA A 43 18.30 12.71 -0.35
C ALA A 43 18.93 11.42 -0.86
N VAL A 44 20.25 11.30 -0.68
CA VAL A 44 20.98 10.10 -1.10
C VAL A 44 22.01 9.79 -0.02
N PRO A 45 22.43 8.52 0.09
CA PRO A 45 23.44 8.20 1.11
C PRO A 45 24.80 8.83 0.75
N ALA A 46 25.71 8.84 1.71
CA ALA A 46 27.02 9.47 1.51
C ALA A 46 28.05 8.78 0.60
N ASN A 47 28.07 7.45 0.58
CA ASN A 47 29.06 6.76 -0.23
C ASN A 47 28.83 6.86 -1.74
N VAL A 48 29.79 7.49 -2.41
CA VAL A 48 29.73 7.68 -3.86
C VAL A 48 30.56 6.62 -4.57
N PHE A 49 29.92 5.89 -5.47
CA PHE A 49 30.62 4.86 -6.24
C PHE A 49 30.62 5.24 -7.71
N GLU A 50 31.81 5.53 -8.24
CA GLU A 50 31.96 5.89 -9.64
C GLU A 50 31.69 4.67 -10.51
N GLN A 51 30.86 4.84 -11.52
CA GLN A 51 30.51 3.74 -12.41
C GLN A 51 31.69 3.20 -13.21
N ALA A 52 32.60 4.09 -13.60
CA ALA A 52 33.77 3.69 -14.38
C ALA A 52 34.56 2.53 -13.76
N THR A 53 34.73 2.56 -12.44
CA THR A 53 35.48 1.49 -11.77
C THR A 53 34.65 0.63 -10.83
N TYR A 54 33.33 0.68 -10.96
CA TYR A 54 32.49 -0.13 -10.09
C TYR A 54 32.79 -1.62 -10.29
N PRO A 55 33.04 -2.05 -11.54
CA PRO A 55 33.34 -3.47 -11.76
C PRO A 55 34.47 -4.02 -10.87
N ASP A 56 35.53 -3.24 -10.68
CA ASP A 56 36.64 -3.70 -9.83
C ASP A 56 36.16 -3.95 -8.40
N PHE A 57 35.51 -2.95 -7.82
CA PHE A 57 34.98 -3.05 -6.46
C PHE A 57 34.00 -4.22 -6.34
N PHE A 58 33.05 -4.25 -7.27
CA PHE A 58 32.01 -5.28 -7.27
C PHE A 58 32.56 -6.70 -7.35
N PHE A 59 33.46 -6.94 -8.30
CA PHE A 59 34.01 -8.28 -8.41
C PHE A 59 34.95 -8.61 -7.26
N ASN A 60 35.55 -7.59 -6.66
CA ASN A 60 36.43 -7.84 -5.52
C ASN A 60 35.58 -8.24 -4.32
N ILE A 61 34.61 -7.39 -3.98
CA ILE A 61 33.76 -7.64 -2.83
C ILE A 61 32.93 -8.93 -2.93
N THR A 62 32.58 -9.34 -4.14
CA THR A 62 31.80 -10.57 -4.31
C THR A 62 32.70 -11.77 -4.58
N ASN A 63 34.01 -11.56 -4.50
CA ASN A 63 34.99 -12.63 -4.72
C ASN A 63 34.78 -13.35 -6.05
N SER A 64 34.64 -12.58 -7.12
CA SER A 64 34.41 -13.15 -8.44
C SER A 64 35.53 -12.85 -9.43
N ASN A 65 36.71 -12.49 -8.92
CA ASN A 65 37.83 -12.17 -9.80
C ASN A 65 38.25 -13.34 -10.68
N ASP A 66 37.81 -14.54 -10.33
CA ASP A 66 38.15 -15.73 -11.10
C ASP A 66 37.22 -15.87 -12.31
N LYS A 67 36.43 -14.82 -12.56
CA LYS A 67 35.49 -14.82 -13.68
C LYS A 67 35.75 -13.57 -14.53
N PRO A 68 36.94 -13.50 -15.16
CA PRO A 68 37.34 -12.38 -16.01
C PRO A 68 36.40 -12.09 -17.18
N ALA A 69 35.83 -13.11 -17.78
CA ALA A 69 34.92 -12.93 -18.90
C ALA A 69 33.64 -12.25 -18.42
N LEU A 70 33.11 -12.73 -17.29
CA LEU A 70 31.89 -12.16 -16.73
C LEU A 70 32.17 -10.72 -16.32
N LYS A 71 33.37 -10.45 -15.81
CA LYS A 71 33.73 -9.10 -15.40
C LYS A 71 33.79 -8.17 -16.61
N ALA A 72 34.40 -8.65 -17.69
CA ALA A 72 34.50 -7.85 -18.91
C ALA A 72 33.11 -7.52 -19.42
N LYS A 73 32.19 -8.47 -19.26
CA LYS A 73 30.82 -8.27 -19.68
C LYS A 73 30.18 -7.21 -18.80
N PHE A 74 30.43 -7.30 -17.49
CA PHE A 74 29.87 -6.33 -16.56
C PHE A 74 30.43 -4.93 -16.83
N GLN A 75 31.72 -4.86 -17.17
CA GLN A 75 32.36 -3.58 -17.46
C GLN A 75 31.70 -2.94 -18.68
N ARG A 76 31.39 -3.73 -19.69
CA ARG A 76 30.73 -3.20 -20.88
C ARG A 76 29.33 -2.68 -20.54
N ILE A 77 28.64 -3.38 -19.65
CA ILE A 77 27.29 -2.96 -19.24
C ILE A 77 27.36 -1.63 -18.48
N CYS A 78 28.30 -1.54 -17.53
CA CYS A 78 28.45 -0.31 -16.76
C CYS A 78 28.86 0.86 -17.64
N ASP A 79 29.73 0.61 -18.62
CA ASP A 79 30.18 1.67 -19.52
C ASP A 79 29.08 2.24 -20.41
N LYS A 80 28.06 1.42 -20.71
CA LYS A 80 26.98 1.84 -21.57
C LYS A 80 25.65 2.07 -20.82
N SER A 81 25.72 2.07 -19.49
CA SER A 81 24.53 2.24 -18.65
C SER A 81 23.97 3.65 -18.56
N GLY A 82 24.72 4.64 -19.06
CA GLY A 82 24.27 6.02 -19.00
C GLY A 82 24.45 6.59 -17.61
N ILE A 83 25.11 5.82 -16.75
CA ILE A 83 25.36 6.22 -15.36
C ILE A 83 26.80 6.62 -15.11
N LYS A 84 26.99 7.76 -14.44
CA LYS A 84 28.32 8.26 -14.12
C LYS A 84 28.66 7.87 -12.67
N LYS A 85 27.65 7.87 -11.81
CA LYS A 85 27.86 7.51 -10.40
C LYS A 85 26.55 7.16 -9.71
N ARG A 86 26.68 6.46 -8.58
CA ARG A 86 25.54 6.06 -7.76
C ARG A 86 25.93 6.27 -6.30
N HIS A 87 24.92 6.42 -5.44
CA HIS A 87 25.15 6.61 -4.02
C HIS A 87 24.64 5.38 -3.28
N PHE A 88 25.46 4.86 -2.37
CA PHE A 88 25.08 3.66 -1.64
C PHE A 88 25.31 3.79 -0.14
N TYR A 89 24.45 3.14 0.65
CA TYR A 89 24.62 3.12 2.09
C TYR A 89 25.66 2.03 2.31
N LEU A 90 25.58 0.97 1.50
CA LEU A 90 26.52 -0.13 1.58
C LEU A 90 27.92 0.32 1.20
N ASP A 91 28.91 -0.25 1.86
CA ASP A 91 30.31 0.04 1.58
C ASP A 91 31.09 -1.24 1.86
N GLN A 92 32.40 -1.19 1.69
CA GLN A 92 33.22 -2.38 1.91
C GLN A 92 33.06 -2.97 3.31
N LYS A 93 33.07 -2.11 4.32
CA LYS A 93 32.95 -2.56 5.71
C LYS A 93 31.66 -3.31 5.98
N ILE A 94 30.53 -2.71 5.64
CA ILE A 94 29.24 -3.34 5.87
C ILE A 94 29.13 -4.67 5.14
N LEU A 95 29.58 -4.71 3.88
CA LEU A 95 29.51 -5.93 3.10
C LEU A 95 30.42 -7.03 3.67
N GLU A 96 31.57 -6.64 4.23
CA GLU A 96 32.47 -7.62 4.80
C GLU A 96 31.87 -8.18 6.09
N SER A 97 31.02 -7.38 6.75
CA SER A 97 30.36 -7.80 7.98
C SER A 97 29.13 -8.65 7.67
N ASN A 98 28.80 -8.76 6.40
CA ASN A 98 27.63 -9.54 5.96
C ASN A 98 28.00 -10.38 4.73
N PRO A 99 28.92 -11.34 4.91
CA PRO A 99 29.39 -12.21 3.83
C PRO A 99 28.32 -12.90 3.00
N ALA A 100 27.22 -13.30 3.64
CA ALA A 100 26.14 -13.98 2.92
C ALA A 100 25.61 -13.09 1.79
N MET A 101 25.62 -11.79 2.01
CA MET A 101 25.15 -10.84 1.01
C MET A 101 26.08 -10.73 -0.19
N CYS A 102 27.33 -11.15 -0.01
CA CYS A 102 28.32 -11.08 -1.10
C CYS A 102 28.34 -12.36 -1.94
N THR A 103 27.44 -13.29 -1.65
CA THR A 103 27.37 -14.53 -2.41
C THR A 103 26.26 -14.39 -3.45
N TYR A 104 26.05 -15.44 -4.24
CA TYR A 104 25.01 -15.38 -5.26
C TYR A 104 23.62 -15.64 -4.69
N MET A 105 23.44 -16.74 -3.98
CA MET A 105 22.13 -17.07 -3.45
C MET A 105 22.12 -17.75 -2.07
N GLU A 106 23.11 -17.48 -1.23
CA GLU A 106 23.10 -18.08 0.09
C GLU A 106 22.09 -17.35 0.98
N THR A 107 21.53 -18.06 1.95
CA THR A 107 20.55 -17.48 2.87
C THR A 107 21.09 -16.16 3.43
N SER A 108 20.34 -15.08 3.27
CA SER A 108 20.81 -13.77 3.74
C SER A 108 19.71 -12.74 4.02
N LEU A 109 18.45 -13.11 3.85
CA LEU A 109 17.37 -12.16 4.08
C LEU A 109 17.45 -11.44 5.42
N ASN A 110 17.73 -12.16 6.50
CA ASN A 110 17.80 -11.53 7.82
C ASN A 110 18.88 -10.45 7.89
N CYS A 111 20.00 -10.64 7.19
CA CYS A 111 21.08 -9.64 7.19
C CYS A 111 20.59 -8.39 6.47
N ARG A 112 19.98 -8.61 5.31
CA ARG A 112 19.48 -7.53 4.48
C ARG A 112 18.36 -6.75 5.17
N GLN A 113 17.43 -7.47 5.79
CA GLN A 113 16.33 -6.83 6.50
C GLN A 113 16.82 -5.89 7.60
N GLU A 114 17.81 -6.33 8.38
CA GLU A 114 18.31 -5.48 9.46
C GLU A 114 18.84 -4.15 8.95
N ILE A 115 19.55 -4.20 7.82
CA ILE A 115 20.13 -3.00 7.23
C ILE A 115 19.06 -2.08 6.65
N ALA A 116 18.20 -2.63 5.80
CA ALA A 116 17.15 -1.87 5.14
C ALA A 116 16.07 -1.25 6.04
N VAL A 117 15.70 -1.97 7.10
CA VAL A 117 14.67 -1.49 8.02
C VAL A 117 15.05 -0.16 8.67
N ALA A 118 16.34 0.01 8.97
CA ALA A 118 16.81 1.22 9.61
C ALA A 118 17.15 2.33 8.62
N GLN A 119 17.71 1.96 7.48
CA GLN A 119 18.12 2.93 6.45
C GLN A 119 17.00 3.57 5.65
N VAL A 120 15.97 2.80 5.30
CA VAL A 120 14.88 3.35 4.51
C VAL A 120 14.22 4.57 5.16
N PRO A 121 13.78 4.45 6.43
CA PRO A 121 13.16 5.61 7.07
C PRO A 121 14.11 6.78 7.32
N LYS A 122 15.39 6.48 7.54
CA LYS A 122 16.38 7.53 7.77
C LYS A 122 16.52 8.39 6.52
N LEU A 123 16.66 7.74 5.38
CA LEU A 123 16.81 8.44 4.10
C LEU A 123 15.50 9.17 3.78
N ALA A 124 14.37 8.55 4.08
CA ALA A 124 13.08 9.14 3.82
C ALA A 124 12.90 10.40 4.66
N LYS A 125 13.39 10.36 5.90
CA LYS A 125 13.29 11.52 6.79
C LYS A 125 14.06 12.70 6.22
N GLU A 126 15.25 12.43 5.68
CA GLU A 126 16.08 13.50 5.12
C GLU A 126 15.41 14.14 3.92
N ALA A 127 14.85 13.31 3.04
CA ALA A 127 14.17 13.80 1.86
C ALA A 127 12.95 14.61 2.29
N SER A 128 12.19 14.07 3.24
CA SER A 128 11.00 14.73 3.75
C SER A 128 11.32 16.07 4.39
N MET A 129 12.40 16.12 5.16
CA MET A 129 12.78 17.38 5.80
C MET A 129 13.10 18.44 4.76
N ASN A 130 13.72 18.04 3.65
CA ASN A 130 14.06 19.00 2.61
C ASN A 130 12.80 19.53 1.93
N ALA A 131 11.83 18.65 1.71
CA ALA A 131 10.57 19.09 1.09
C ALA A 131 9.83 20.00 2.06
N ILE A 132 9.81 19.64 3.33
CA ILE A 132 9.12 20.44 4.34
C ILE A 132 9.77 21.81 4.47
N LYS A 133 11.10 21.86 4.40
CA LYS A 133 11.83 23.12 4.47
C LYS A 133 11.49 24.04 3.30
N GLU A 134 11.38 23.48 2.09
CA GLU A 134 11.04 24.28 0.92
C GLU A 134 9.61 24.81 1.04
N TRP A 135 8.71 23.92 1.46
CA TRP A 135 7.29 24.24 1.66
C TRP A 135 7.16 25.42 2.63
N GLY A 136 7.94 25.40 3.71
CA GLY A 136 7.94 26.49 4.67
C GLY A 136 6.82 26.53 5.71
N ARG A 137 6.07 25.43 5.84
CA ARG A 137 4.98 25.39 6.79
C ARG A 137 5.34 24.48 7.97
N PRO A 138 4.58 24.58 9.07
CA PRO A 138 4.85 23.74 10.25
C PRO A 138 4.57 22.29 9.87
N LYS A 139 5.44 21.37 10.27
CA LYS A 139 5.23 19.96 9.93
C LYS A 139 3.93 19.42 10.53
N SER A 140 3.34 20.16 11.47
CA SER A 140 2.09 19.75 12.08
C SER A 140 0.93 19.86 11.10
N GLU A 141 1.12 20.62 10.03
CA GLU A 141 0.06 20.78 9.03
C GLU A 141 -0.02 19.58 8.08
N ILE A 142 0.91 18.64 8.22
CA ILE A 142 0.88 17.44 7.38
C ILE A 142 -0.20 16.52 7.95
N THR A 143 -1.20 16.22 7.13
CA THR A 143 -2.33 15.40 7.54
C THR A 143 -2.26 13.93 7.09
N HIS A 144 -1.48 13.66 6.04
CA HIS A 144 -1.35 12.31 5.51
C HIS A 144 0.09 12.02 5.10
N ILE A 145 0.49 10.76 5.20
CA ILE A 145 1.82 10.35 4.75
C ILE A 145 1.60 9.12 3.87
N VAL A 146 2.06 9.20 2.63
CA VAL A 146 1.92 8.12 1.66
C VAL A 146 3.34 7.71 1.29
N MET A 147 3.68 6.44 1.53
CA MET A 147 5.04 6.01 1.25
C MET A 147 5.15 4.67 0.53
N ALA A 148 6.22 4.51 -0.23
CA ALA A 148 6.48 3.28 -0.96
C ALA A 148 7.96 2.97 -0.91
N THR A 149 8.28 1.69 -0.94
CA THR A 149 9.66 1.22 -0.95
C THR A 149 9.62 -0.24 -1.36
N THR A 150 10.69 -0.70 -1.99
CA THR A 150 10.79 -2.08 -2.42
C THR A 150 11.99 -2.68 -1.71
N SER A 151 12.49 -1.94 -0.72
CA SER A 151 13.65 -2.35 0.06
C SER A 151 13.28 -2.85 1.45
N GLY A 152 12.88 -4.11 1.54
CA GLY A 152 12.52 -4.68 2.84
C GLY A 152 11.12 -4.37 3.31
N VAL A 153 10.67 -5.10 4.33
CA VAL A 153 9.33 -4.91 4.90
C VAL A 153 9.39 -5.12 6.41
N ASN A 154 8.58 -4.36 7.14
CA ASN A 154 8.54 -4.46 8.59
C ASN A 154 7.17 -4.11 9.12
N MET A 155 6.94 -4.45 10.38
CA MET A 155 5.68 -4.17 11.07
C MET A 155 6.06 -3.68 12.47
N PRO A 156 5.76 -2.42 12.81
CA PRO A 156 5.11 -1.37 12.00
C PRO A 156 5.94 -1.05 10.77
N GLY A 157 5.31 -0.44 9.78
CA GLY A 157 5.99 -0.12 8.54
C GLY A 157 6.89 1.09 8.52
N ALA A 158 7.65 1.22 7.43
CA ALA A 158 8.58 2.32 7.25
C ALA A 158 7.92 3.69 7.32
N GLU A 159 6.65 3.79 6.92
CA GLU A 159 5.98 5.08 6.95
C GLU A 159 5.78 5.57 8.38
N LEU A 160 5.53 4.66 9.31
CA LEU A 160 5.37 5.06 10.70
C LEU A 160 6.74 5.40 11.26
N ALA A 161 7.74 4.61 10.90
CA ALA A 161 9.10 4.85 11.37
C ALA A 161 9.55 6.24 10.93
N THR A 162 9.21 6.60 9.68
CA THR A 162 9.55 7.90 9.13
C THR A 162 8.77 9.01 9.84
N ALA A 163 7.47 8.77 10.06
CA ALA A 163 6.64 9.75 10.74
C ALA A 163 7.19 10.04 12.15
N LYS A 164 7.63 9.00 12.84
CA LYS A 164 8.20 9.18 14.18
C LYS A 164 9.48 10.01 14.12
N LEU A 165 10.35 9.69 13.16
CA LEU A 165 11.60 10.44 13.03
C LEU A 165 11.31 11.90 12.73
N LEU A 166 10.24 12.15 11.98
CA LEU A 166 9.85 13.51 11.62
C LEU A 166 9.07 14.24 12.70
N GLY A 167 8.47 13.48 13.61
CA GLY A 167 7.67 14.09 14.66
C GLY A 167 6.34 14.60 14.13
N LEU A 168 5.70 13.82 13.27
CA LEU A 168 4.41 14.24 12.73
C LEU A 168 3.34 13.96 13.77
N ARG A 169 2.16 14.54 13.57
CA ARG A 169 1.05 14.37 14.50
C ARG A 169 0.71 12.89 14.66
N PRO A 170 0.29 12.48 15.87
CA PRO A 170 -0.06 11.10 16.19
C PRO A 170 -1.22 10.56 15.35
N ASN A 171 -2.07 11.44 14.86
CA ASN A 171 -3.24 11.04 14.08
C ASN A 171 -3.09 11.24 12.58
N VAL A 172 -1.85 11.26 12.09
CA VAL A 172 -1.63 11.42 10.66
C VAL A 172 -2.18 10.17 9.96
N ARG A 173 -2.89 10.37 8.85
CA ARG A 173 -3.44 9.24 8.11
C ARG A 173 -2.34 8.66 7.23
N ARG A 174 -2.20 7.33 7.29
CA ARG A 174 -1.12 6.65 6.56
C ARG A 174 -1.52 5.67 5.47
N VAL A 175 -0.67 5.59 4.46
CA VAL A 175 -0.84 4.65 3.36
C VAL A 175 0.58 4.16 3.06
N MET A 176 0.84 2.88 3.33
CA MET A 176 2.15 2.28 3.11
C MET A 176 2.04 1.23 1.99
N MET A 177 2.89 1.35 0.98
CA MET A 177 2.86 0.43 -0.14
C MET A 177 4.24 -0.21 -0.38
N TYR A 178 4.43 -1.36 0.28
CA TYR A 178 5.66 -2.14 0.20
C TYR A 178 5.75 -2.99 -1.07
N GLN A 179 6.99 -3.30 -1.45
CA GLN A 179 7.27 -4.17 -2.57
C GLN A 179 6.55 -3.91 -3.89
N GLN A 180 6.45 -2.66 -4.31
CA GLN A 180 5.76 -2.36 -5.56
C GLN A 180 6.67 -2.33 -6.78
N GLY A 181 7.88 -1.80 -6.63
CA GLY A 181 8.77 -1.74 -7.78
C GLY A 181 8.94 -0.34 -8.33
N CSD A 182 9.48 -0.25 -9.53
CA CSD A 182 9.77 1.03 -10.18
CB CSD A 182 10.64 0.81 -11.41
SG CSD A 182 12.23 0.02 -11.06
C CSD A 182 8.64 1.97 -10.57
O CSD A 182 8.90 3.10 -10.97
OD1 CSD A 182 12.23 -0.92 -9.97
OD2 CSD A 182 13.33 0.39 -11.95
N PHE A 183 7.39 1.53 -10.50
CA PHE A 183 6.29 2.41 -10.87
C PHE A 183 5.70 3.18 -9.69
N ALA A 184 6.13 2.83 -8.48
CA ALA A 184 5.60 3.45 -7.26
C ALA A 184 5.79 4.95 -7.10
N GLY A 185 6.69 5.54 -7.87
CA GLY A 185 6.90 6.98 -7.78
C GLY A 185 5.63 7.65 -8.26
N ALA A 186 5.06 7.13 -9.34
CA ALA A 186 3.82 7.65 -9.89
C ALA A 186 2.69 7.25 -8.95
N THR A 187 2.79 6.05 -8.38
CA THR A 187 1.76 5.56 -7.46
C THR A 187 1.53 6.43 -6.24
N VAL A 188 2.60 6.82 -5.54
CA VAL A 188 2.42 7.65 -4.35
C VAL A 188 1.75 8.98 -4.70
N LEU A 189 2.03 9.50 -5.89
CA LEU A 189 1.43 10.74 -6.34
C LEU A 189 -0.06 10.54 -6.69
N ARG A 190 -0.38 9.42 -7.32
CA ARG A 190 -1.78 9.14 -7.66
C ARG A 190 -2.61 9.02 -6.37
N VAL A 191 -2.02 8.38 -5.36
CA VAL A 191 -2.72 8.21 -4.09
C VAL A 191 -2.85 9.56 -3.39
N ALA A 192 -1.76 10.33 -3.38
CA ALA A 192 -1.77 11.64 -2.75
C ALA A 192 -2.80 12.55 -3.40
N LYS A 193 -2.96 12.41 -4.72
CA LYS A 193 -3.92 13.23 -5.46
C LYS A 193 -5.33 13.08 -4.89
N ASP A 194 -5.78 11.85 -4.72
CA ASP A 194 -7.12 11.61 -4.19
C ASP A 194 -7.25 12.05 -2.73
N LEU A 195 -6.23 11.77 -1.91
CA LEU A 195 -6.27 12.17 -0.50
C LEU A 195 -6.31 13.70 -0.35
N ALA A 196 -5.52 14.39 -1.16
CA ALA A 196 -5.45 15.84 -1.11
C ALA A 196 -6.73 16.50 -1.61
N GLU A 197 -7.24 16.04 -2.75
CA GLU A 197 -8.44 16.62 -3.34
C GLU A 197 -9.73 16.30 -2.60
N ASN A 198 -9.79 15.17 -1.92
CA ASN A 198 -11.02 14.79 -1.24
C ASN A 198 -11.15 15.26 0.21
N ASN A 199 -10.12 15.92 0.72
CA ASN A 199 -10.13 16.39 2.10
C ASN A 199 -9.68 17.85 2.21
N ALA A 200 -10.63 18.73 2.48
CA ALA A 200 -10.32 20.15 2.62
C ALA A 200 -9.18 20.37 3.60
N GLY A 201 -8.18 21.14 3.19
CA GLY A 201 -7.06 21.43 4.06
C GLY A 201 -5.97 20.37 4.14
N ALA A 202 -6.20 19.22 3.53
CA ALA A 202 -5.22 18.13 3.59
C ALA A 202 -3.89 18.50 2.91
N ARG A 203 -2.81 18.09 3.55
CA ARG A 203 -1.46 18.32 3.02
C ARG A 203 -0.79 16.96 3.14
N VAL A 204 -0.49 16.38 1.99
CA VAL A 204 0.09 15.06 1.92
C VAL A 204 1.59 15.01 1.67
N LEU A 205 2.28 14.22 2.48
CA LEU A 205 3.72 14.02 2.33
C LEU A 205 3.83 12.68 1.60
N ALA A 206 4.18 12.73 0.31
CA ALA A 206 4.32 11.51 -0.50
C ALA A 206 5.80 11.16 -0.58
N ILE A 207 6.14 9.93 -0.19
CA ILE A 207 7.54 9.50 -0.14
C ILE A 207 7.88 8.19 -0.85
N CYS A 208 9.08 8.14 -1.39
CA CYS A 208 9.62 6.94 -2.02
C CYS A 208 11.06 6.87 -1.52
N SER A 209 11.42 5.77 -0.88
CA SER A 209 12.76 5.60 -0.34
C SER A 209 13.27 4.20 -0.70
N GLU A 210 14.43 4.15 -1.34
CA GLU A 210 15.01 2.88 -1.77
C GLU A 210 16.48 2.73 -1.43
N VAL A 211 16.83 1.54 -0.91
CA VAL A 211 18.22 1.22 -0.59
C VAL A 211 18.46 -0.13 -1.24
N THR A 212 19.71 -0.43 -1.58
CA THR A 212 20.02 -1.67 -2.29
C THR A 212 20.43 -2.90 -1.47
N ALA A 213 20.35 -2.81 -0.14
CA ALA A 213 20.72 -3.93 0.70
C ALA A 213 19.99 -5.23 0.37
N VAL A 214 18.73 -5.14 -0.05
CA VAL A 214 17.96 -6.35 -0.33
C VAL A 214 18.22 -6.98 -1.69
N THR A 215 18.71 -6.21 -2.66
CA THR A 215 18.96 -6.75 -4.00
C THR A 215 20.43 -7.02 -4.33
N PHE A 216 21.34 -6.47 -3.54
CA PHE A 216 22.77 -6.67 -3.80
C PHE A 216 23.17 -8.14 -3.71
N ARG A 217 23.91 -8.62 -4.71
CA ARG A 217 24.38 -10.01 -4.72
C ARG A 217 25.44 -10.25 -5.79
N ALA A 218 26.18 -11.34 -5.62
CA ALA A 218 27.24 -11.71 -6.54
C ALA A 218 26.75 -11.94 -7.96
N PRO A 219 27.60 -11.63 -8.96
CA PRO A 219 27.23 -11.82 -10.36
C PRO A 219 27.22 -13.31 -10.72
N SER A 220 26.40 -13.67 -11.70
CA SER A 220 26.31 -15.05 -12.15
C SER A 220 26.13 -15.09 -13.65
N GLU A 221 26.85 -16.00 -14.31
CA GLU A 221 26.76 -16.13 -15.76
C GLU A 221 25.38 -16.62 -16.18
N THR A 222 24.64 -17.19 -15.22
CA THR A 222 23.29 -17.70 -15.49
C THR A 222 22.21 -16.66 -15.22
N HIS A 223 22.60 -15.49 -14.77
CA HIS A 223 21.64 -14.44 -14.42
C HIS A 223 22.10 -13.08 -14.97
N ILE A 224 22.10 -12.95 -16.30
CA ILE A 224 22.53 -11.72 -16.96
C ILE A 224 21.61 -10.53 -16.72
N ASP A 225 20.29 -10.74 -16.75
CA ASP A 225 19.39 -9.64 -16.49
C ASP A 225 19.68 -9.17 -15.06
N GLY A 226 20.15 -10.09 -14.23
CA GLY A 226 20.50 -9.75 -12.86
C GLY A 226 21.79 -8.94 -12.83
N LEU A 227 22.71 -9.26 -13.73
CA LEU A 227 23.98 -8.54 -13.83
C LEU A 227 23.68 -7.10 -14.21
N VAL A 228 22.73 -6.93 -15.13
CA VAL A 228 22.33 -5.60 -15.58
C VAL A 228 21.78 -4.81 -14.39
N GLY A 229 20.97 -5.46 -13.57
CA GLY A 229 20.41 -4.79 -12.41
C GLY A 229 21.50 -4.28 -11.48
N SER A 230 22.57 -5.05 -11.34
CA SER A 230 23.68 -4.67 -10.47
C SER A 230 24.41 -3.44 -10.98
N ALA A 231 24.22 -3.12 -12.26
CA ALA A 231 24.88 -1.95 -12.84
C ALA A 231 23.98 -0.72 -12.76
N LEU A 232 22.69 -0.92 -12.56
CA LEU A 232 21.74 0.19 -12.52
C LEU A 232 21.22 0.66 -11.16
N PHE A 233 20.86 -0.26 -10.28
CA PHE A 233 20.30 0.09 -8.98
C PHE A 233 21.18 0.89 -8.01
N GLY A 234 20.63 2.03 -7.56
CA GLY A 234 21.32 2.89 -6.62
C GLY A 234 20.37 3.23 -5.47
N ASP A 235 20.84 4.01 -4.49
CA ASP A 235 20.03 4.39 -3.34
C ASP A 235 19.54 5.83 -3.44
N GLY A 236 18.39 6.11 -2.84
CA GLY A 236 17.86 7.46 -2.87
C GLY A 236 16.44 7.55 -2.36
N ALA A 237 16.04 8.74 -1.91
CA ALA A 237 14.70 8.97 -1.42
C ALA A 237 14.22 10.34 -1.90
N ALA A 238 12.93 10.45 -2.17
CA ALA A 238 12.36 11.71 -2.61
C ALA A 238 11.03 11.88 -1.90
N ALA A 239 10.69 13.13 -1.63
CA ALA A 239 9.44 13.45 -0.94
C ALA A 239 8.79 14.63 -1.64
N VAL A 240 7.47 14.59 -1.73
CA VAL A 240 6.71 15.65 -2.37
C VAL A 240 5.55 16.06 -1.45
N ILE A 241 5.32 17.36 -1.30
CA ILE A 241 4.21 17.84 -0.48
C ILE A 241 3.08 18.09 -1.46
N VAL A 242 1.94 17.46 -1.25
CA VAL A 242 0.81 17.60 -2.15
C VAL A 242 -0.42 18.18 -1.45
N GLY A 243 -1.03 19.17 -2.08
CA GLY A 243 -2.22 19.76 -1.48
C GLY A 243 -3.03 20.54 -2.49
N SER A 244 -4.34 20.60 -2.24
CA SER A 244 -5.24 21.37 -3.09
C SER A 244 -5.45 22.73 -2.46
N ASP A 245 -5.97 23.66 -3.25
CA ASP A 245 -6.27 25.01 -2.79
C ASP A 245 -5.11 25.64 -2.01
N PRO A 246 -4.01 25.96 -2.70
CA PRO A 246 -2.82 26.57 -2.07
C PRO A 246 -3.22 27.88 -1.40
N ARG A 247 -2.66 28.14 -0.22
CA ARG A 247 -2.96 29.36 0.51
C ARG A 247 -2.07 30.49 -0.03
N PRO A 248 -2.69 31.58 -0.49
CA PRO A 248 -1.93 32.71 -1.02
C PRO A 248 -0.90 33.30 -0.06
N GLY A 249 0.29 33.58 -0.56
CA GLY A 249 1.33 34.16 0.26
C GLY A 249 2.20 33.18 1.02
N ILE A 250 1.64 32.05 1.44
CA ILE A 250 2.43 31.08 2.18
C ILE A 250 2.71 29.77 1.43
N GLU A 251 2.05 29.58 0.30
CA GLU A 251 2.26 28.37 -0.51
C GLU A 251 2.29 28.76 -1.98
N ARG A 252 3.08 28.03 -2.77
CA ARG A 252 3.18 28.32 -4.19
C ARG A 252 3.15 27.02 -4.98
N PRO A 253 2.12 26.82 -5.80
CA PRO A 253 1.95 25.62 -6.63
C PRO A 253 3.03 25.51 -7.69
N ILE A 254 3.56 24.30 -7.90
CA ILE A 254 4.58 24.11 -8.92
C ILE A 254 3.95 23.38 -10.10
N TYR A 255 3.21 22.31 -9.78
CA TYR A 255 2.50 21.51 -10.78
C TYR A 255 1.11 21.17 -10.25
N GLU A 256 0.14 21.05 -11.15
CA GLU A 256 -1.21 20.66 -10.78
C GLU A 256 -1.40 19.28 -11.38
N MET A 257 -2.03 18.37 -10.66
CA MET A 257 -2.28 17.03 -11.16
C MET A 257 -3.71 17.01 -11.69
N HIS A 258 -3.89 16.62 -12.95
CA HIS A 258 -5.22 16.61 -13.55
C HIS A 258 -5.72 15.24 -13.99
N TRP A 259 -4.85 14.24 -14.00
CA TRP A 259 -5.24 12.90 -14.38
C TRP A 259 -4.19 11.90 -13.93
N ALA A 260 -4.65 10.74 -13.49
CA ALA A 260 -3.76 9.68 -13.04
C ALA A 260 -4.37 8.37 -13.49
N GLY A 261 -3.64 7.62 -14.31
CA GLY A 261 -4.14 6.35 -14.77
C GLY A 261 -3.01 5.34 -14.87
N GLU A 262 -3.35 4.11 -15.17
CA GLU A 262 -2.34 3.08 -15.30
C GLU A 262 -2.93 1.93 -16.08
N MET A 263 -2.04 1.05 -16.57
CA MET A 263 -2.50 -0.11 -17.31
C MET A 263 -1.45 -1.19 -17.38
N VAL A 264 -1.91 -2.42 -17.49
CA VAL A 264 -1.03 -3.56 -17.62
C VAL A 264 -0.94 -3.76 -19.12
N LEU A 265 0.27 -3.75 -19.65
CA LEU A 265 0.46 -3.89 -21.09
C LEU A 265 0.11 -5.26 -21.63
N PRO A 266 -0.43 -5.31 -22.86
CA PRO A 266 -0.81 -6.56 -23.51
C PRO A 266 0.42 -7.44 -23.68
N GLU A 267 0.22 -8.75 -23.64
CA GLU A 267 1.29 -9.73 -23.81
C GLU A 267 2.55 -9.42 -23.00
N SER A 268 2.38 -8.96 -21.76
CA SER A 268 3.53 -8.64 -20.93
C SER A 268 3.71 -9.52 -19.70
N ASP A 269 2.92 -10.58 -19.60
CA ASP A 269 3.01 -11.49 -18.46
C ASP A 269 4.42 -12.04 -18.27
N GLY A 270 4.92 -11.95 -17.04
CA GLY A 270 6.25 -12.44 -16.73
C GLY A 270 7.36 -11.53 -17.21
N ALA A 271 7.01 -10.38 -17.78
CA ALA A 271 8.01 -9.43 -18.26
C ALA A 271 9.01 -9.08 -17.17
N ILE A 272 8.48 -8.88 -15.95
CA ILE A 272 9.31 -8.53 -14.80
C ILE A 272 8.76 -9.19 -13.53
N ASP A 273 9.55 -10.09 -12.96
CA ASP A 273 9.15 -10.78 -11.74
C ASP A 273 10.17 -10.49 -10.64
N GLY A 274 9.66 -10.14 -9.46
CA GLY A 274 10.52 -9.86 -8.32
C GLY A 274 10.15 -10.80 -7.20
N HIS A 275 11.07 -11.65 -6.80
CA HIS A 275 10.82 -12.63 -5.75
C HIS A 275 11.60 -12.33 -4.47
N LEU A 276 10.87 -12.20 -3.35
CA LEU A 276 11.51 -11.94 -2.07
C LEU A 276 11.76 -13.33 -1.47
N THR A 277 13.01 -13.72 -1.44
CA THR A 277 13.40 -15.05 -0.97
C THR A 277 14.31 -15.03 0.24
N GLU A 278 14.76 -16.22 0.62
CA GLU A 278 15.67 -16.41 1.74
C GLU A 278 17.00 -15.75 1.40
N ALA A 279 17.22 -15.51 0.10
CA ALA A 279 18.46 -14.88 -0.34
C ALA A 279 18.23 -13.43 -0.72
N GLY A 280 17.08 -12.89 -0.33
CA GLY A 280 16.78 -11.51 -0.65
C GLY A 280 15.89 -11.37 -1.87
N LEU A 281 15.84 -10.14 -2.41
CA LEU A 281 15.01 -9.85 -3.57
C LEU A 281 15.74 -10.18 -4.86
N VAL A 282 15.14 -11.05 -5.66
CA VAL A 282 15.72 -11.46 -6.94
C VAL A 282 14.79 -11.09 -8.08
N PHE A 283 15.31 -10.41 -9.09
CA PHE A 283 14.51 -10.01 -10.25
C PHE A 283 14.77 -10.92 -11.45
N HIS A 284 13.72 -11.13 -12.24
CA HIS A 284 13.81 -11.95 -13.45
C HIS A 284 13.09 -11.19 -14.56
N LEU A 285 13.82 -10.79 -15.59
CA LEU A 285 13.22 -10.09 -16.71
C LEU A 285 13.17 -11.07 -17.87
N LEU A 286 11.97 -11.55 -18.18
CA LEU A 286 11.79 -12.52 -19.25
C LEU A 286 11.41 -11.93 -20.62
N LYS A 287 11.11 -10.64 -20.65
CA LYS A 287 10.75 -9.98 -21.90
C LYS A 287 11.49 -8.66 -22.09
N ASP A 288 11.50 -8.18 -23.32
CA ASP A 288 12.15 -6.92 -23.66
C ASP A 288 11.28 -5.81 -23.10
N VAL A 289 11.65 -5.31 -21.92
CA VAL A 289 10.88 -4.26 -21.26
C VAL A 289 10.74 -2.97 -22.07
N PRO A 290 11.86 -2.40 -22.55
CA PRO A 290 11.72 -1.15 -23.33
C PRO A 290 10.87 -1.34 -24.60
N GLY A 291 10.97 -2.53 -25.20
CA GLY A 291 10.21 -2.80 -26.41
C GLY A 291 8.71 -2.78 -26.17
N LEU A 292 8.28 -3.48 -25.12
CA LEU A 292 6.86 -3.53 -24.77
C LEU A 292 6.31 -2.16 -24.44
N ILE A 293 7.06 -1.37 -23.68
CA ILE A 293 6.62 -0.03 -23.30
C ILE A 293 6.53 0.88 -24.52
N THR A 294 7.56 0.86 -25.36
CA THR A 294 7.60 1.70 -26.54
C THR A 294 6.44 1.40 -27.50
N LYS A 295 6.11 0.13 -27.62
CA LYS A 295 5.04 -0.32 -28.50
C LYS A 295 3.64 0.09 -28.04
N ASN A 296 3.47 0.27 -26.72
CA ASN A 296 2.16 0.61 -26.16
C ASN A 296 1.96 1.99 -25.56
N ILE A 297 3.04 2.68 -25.22
CA ILE A 297 2.93 3.99 -24.58
C ILE A 297 2.11 5.01 -25.37
N GLY A 298 2.32 5.07 -26.68
CA GLY A 298 1.58 6.02 -27.50
C GLY A 298 0.07 5.90 -27.36
N GLY A 299 -0.45 4.72 -27.63
CA GLY A 299 -1.89 4.50 -27.54
C GLY A 299 -2.47 4.73 -26.16
N PHE A 300 -1.66 4.50 -25.13
CA PHE A 300 -2.10 4.68 -23.76
C PHE A 300 -2.31 6.15 -23.39
N LEU A 301 -1.42 7.02 -23.89
CA LEU A 301 -1.48 8.44 -23.57
C LEU A 301 -2.22 9.29 -24.61
N LYS A 302 -2.45 8.72 -25.79
CA LYS A 302 -3.10 9.44 -26.88
C LYS A 302 -4.32 10.29 -26.51
N ASP A 303 -5.34 9.65 -25.93
CA ASP A 303 -6.55 10.38 -25.57
C ASP A 303 -6.31 11.53 -24.60
N THR A 304 -5.44 11.33 -23.61
CA THR A 304 -5.16 12.39 -22.65
C THR A 304 -4.45 13.54 -23.36
N LYS A 305 -3.52 13.21 -24.24
CA LYS A 305 -2.77 14.21 -24.99
C LYS A 305 -3.72 15.06 -25.83
N ASN A 306 -4.70 14.43 -26.46
CA ASN A 306 -5.66 15.17 -27.28
C ASN A 306 -6.59 15.99 -26.41
N LEU A 307 -6.88 15.47 -25.23
CA LEU A 307 -7.76 16.15 -24.29
C LEU A 307 -7.20 17.53 -23.90
N VAL A 308 -5.88 17.62 -23.75
CA VAL A 308 -5.26 18.89 -23.37
C VAL A 308 -4.94 19.79 -24.57
N GLY A 309 -5.29 19.32 -25.77
CA GLY A 309 -5.07 20.12 -26.95
C GLY A 309 -3.70 20.02 -27.61
N ALA A 310 -2.92 19.01 -27.24
CA ALA A 310 -1.61 18.83 -27.83
C ALA A 310 -1.73 17.89 -29.03
N SER A 311 -1.06 18.23 -30.12
CA SER A 311 -1.11 17.40 -31.32
C SER A 311 0.23 16.68 -31.50
N SER A 312 1.28 17.29 -30.97
CA SER A 312 2.62 16.72 -31.06
C SER A 312 3.10 16.35 -29.66
N TRP A 313 3.82 15.23 -29.55
CA TRP A 313 4.33 14.80 -28.26
C TRP A 313 5.33 15.81 -27.72
N ASN A 314 5.88 16.63 -28.62
CA ASN A 314 6.86 17.66 -28.26
C ASN A 314 6.24 18.89 -27.62
N GLU A 315 4.91 18.95 -27.59
CA GLU A 315 4.23 20.09 -26.98
C GLU A 315 4.10 19.89 -25.47
N LEU A 316 4.50 18.72 -25.00
CA LEU A 316 4.42 18.36 -23.58
C LEU A 316 5.80 18.22 -22.95
N PHE A 317 5.89 18.39 -21.63
CA PHE A 317 7.17 18.18 -20.96
C PHE A 317 7.11 16.76 -20.41
N TRP A 318 8.24 16.20 -20.02
CA TRP A 318 8.27 14.82 -19.56
C TRP A 318 9.13 14.53 -18.34
N ALA A 319 8.67 13.58 -17.53
CA ALA A 319 9.39 13.13 -16.34
C ALA A 319 9.21 11.62 -16.40
N VAL A 320 10.16 10.94 -17.02
CA VAL A 320 10.09 9.49 -17.20
C VAL A 320 11.05 8.70 -16.32
N HIS A 321 10.55 7.65 -15.69
CA HIS A 321 11.38 6.81 -14.84
C HIS A 321 12.60 6.36 -15.64
N PRO A 322 13.80 6.73 -15.18
CA PRO A 322 15.02 6.34 -15.88
C PRO A 322 15.43 4.90 -15.58
N GLY A 323 14.58 3.95 -15.98
CA GLY A 323 14.87 2.54 -15.74
C GLY A 323 15.88 2.04 -16.75
N GLY A 324 17.05 2.65 -16.77
CA GLY A 324 18.06 2.25 -17.73
C GLY A 324 18.01 3.22 -18.91
N PRO A 325 19.05 3.24 -19.75
CA PRO A 325 19.10 4.15 -20.90
C PRO A 325 18.21 3.79 -22.10
N ALA A 326 17.98 2.49 -22.31
CA ALA A 326 17.18 2.02 -23.44
C ALA A 326 15.74 2.50 -23.49
N ILE A 327 15.06 2.51 -22.34
CA ILE A 327 13.67 2.97 -22.33
C ILE A 327 13.62 4.41 -22.82
N LEU A 328 14.58 5.21 -22.36
CA LEU A 328 14.63 6.62 -22.77
C LEU A 328 14.90 6.75 -24.27
N ASP A 329 15.90 6.02 -24.77
CA ASP A 329 16.23 6.07 -26.19
C ASP A 329 15.08 5.62 -27.09
N GLN A 330 14.47 4.49 -26.75
CA GLN A 330 13.39 3.93 -27.56
C GLN A 330 12.07 4.71 -27.56
N VAL A 331 11.64 5.19 -26.39
CA VAL A 331 10.40 5.95 -26.36
C VAL A 331 10.61 7.26 -27.09
N GLU A 332 11.78 7.85 -26.86
CA GLU A 332 12.15 9.12 -27.50
C GLU A 332 12.05 9.01 -29.02
N ALA A 333 12.56 7.92 -29.57
CA ALA A 333 12.51 7.70 -31.01
C ALA A 333 11.08 7.46 -31.48
N LYS A 334 10.37 6.62 -30.75
CA LYS A 334 8.99 6.28 -31.09
C LYS A 334 8.09 7.51 -31.15
N LEU A 335 8.18 8.37 -30.13
CA LEU A 335 7.35 9.56 -30.08
C LEU A 335 7.99 10.76 -30.80
N GLU A 336 9.14 10.52 -31.43
CA GLU A 336 9.85 11.57 -32.15
C GLU A 336 10.06 12.82 -31.31
N LEU A 337 10.58 12.64 -30.10
CA LEU A 337 10.82 13.76 -29.21
C LEU A 337 12.18 14.40 -29.43
N GLU A 338 12.25 15.71 -29.27
CA GLU A 338 13.52 16.42 -29.39
C GLU A 338 14.35 15.95 -28.19
N LYS A 339 15.67 15.95 -28.35
CA LYS A 339 16.58 15.51 -27.30
C LYS A 339 16.38 16.18 -25.94
N GLY A 340 15.93 17.42 -25.94
CA GLY A 340 15.73 18.12 -24.69
C GLY A 340 14.60 17.61 -23.81
N LYS A 341 13.65 16.89 -24.40
CA LYS A 341 12.50 16.38 -23.64
C LYS A 341 12.85 15.39 -22.53
N PHE A 342 13.78 14.47 -22.79
CA PHE A 342 14.16 13.48 -21.78
C PHE A 342 15.46 13.81 -21.06
N GLN A 343 16.00 15.01 -21.28
CA GLN A 343 17.26 15.36 -20.64
C GLN A 343 17.24 15.28 -19.12
N ALA A 344 16.15 15.70 -18.49
CA ALA A 344 16.06 15.62 -17.03
C ALA A 344 16.18 14.17 -16.59
N SER A 345 15.52 13.26 -17.31
CA SER A 345 15.58 11.84 -16.99
C SER A 345 17.00 11.30 -17.13
N ARG A 346 17.69 11.74 -18.18
CA ARG A 346 19.06 11.30 -18.40
C ARG A 346 20.01 11.90 -17.36
N ASP A 347 19.74 13.13 -16.92
CA ASP A 347 20.57 13.77 -15.90
C ASP A 347 20.52 12.94 -14.61
N ILE A 348 19.32 12.49 -14.24
CA ILE A 348 19.17 11.70 -13.03
C ILE A 348 19.84 10.35 -13.18
N LEU A 349 19.62 9.68 -14.30
CA LEU A 349 20.25 8.39 -14.52
C LEU A 349 21.77 8.58 -14.40
N SER A 350 22.27 9.67 -14.97
CA SER A 350 23.70 9.96 -14.95
C SER A 350 24.26 10.19 -13.54
N ASP A 351 23.59 11.02 -12.76
CA ASP A 351 24.06 11.34 -11.42
C ASP A 351 23.71 10.37 -10.29
N TYR A 352 22.65 9.58 -10.46
CA TYR A 352 22.22 8.70 -9.40
C TYR A 352 21.88 7.26 -9.78
N GLY A 353 21.85 6.95 -11.07
CA GLY A 353 21.49 5.60 -11.49
C GLY A 353 19.99 5.39 -11.28
N ASN A 354 19.57 4.13 -11.24
CA ASN A 354 18.16 3.79 -11.05
C ASN A 354 17.86 3.59 -9.57
N MET A 355 17.20 4.55 -8.94
CA MET A 355 16.85 4.44 -7.52
C MET A 355 15.43 3.93 -7.36
N SER A 356 15.06 3.00 -8.24
CA SER A 356 13.73 2.42 -8.20
C SER A 356 12.63 3.48 -8.18
N SER A 357 11.63 3.29 -7.33
CA SER A 357 10.49 4.22 -7.24
C SER A 357 10.80 5.69 -7.03
N ALA A 358 11.89 6.01 -6.35
CA ALA A 358 12.23 7.42 -6.10
C ALA A 358 12.76 8.15 -7.34
N SER A 359 13.32 7.40 -8.28
CA SER A 359 13.91 7.98 -9.48
C SER A 359 13.06 9.02 -10.19
N VAL A 360 11.83 8.67 -10.54
CA VAL A 360 10.97 9.61 -11.27
C VAL A 360 10.68 10.89 -10.51
N LEU A 361 10.73 10.82 -9.19
CA LEU A 361 10.48 12.00 -8.36
C LEU A 361 11.72 12.90 -8.43
N PHE A 362 12.90 12.30 -8.54
CA PHE A 362 14.13 13.06 -8.68
C PHE A 362 14.03 13.77 -10.02
N VAL A 363 13.51 13.07 -11.02
CA VAL A 363 13.38 13.66 -12.36
C VAL A 363 12.47 14.88 -12.36
N LEU A 364 11.30 14.77 -11.72
CA LEU A 364 10.38 15.90 -11.69
C LEU A 364 11.04 17.12 -11.05
N ASP A 365 11.80 16.88 -9.98
CA ASP A 365 12.49 17.98 -9.31
C ASP A 365 13.51 18.58 -10.27
N ARG A 366 14.13 17.73 -11.10
CA ARG A 366 15.13 18.17 -12.07
C ARG A 366 14.49 18.99 -13.19
N VAL A 367 13.26 18.64 -13.56
CA VAL A 367 12.55 19.37 -14.60
C VAL A 367 12.34 20.80 -14.08
N ARG A 368 11.95 20.91 -12.81
CA ARG A 368 11.71 22.20 -12.18
C ARG A 368 13.02 22.99 -12.13
N GLU A 369 14.10 22.31 -11.74
CA GLU A 369 15.40 22.96 -11.64
C GLU A 369 15.91 23.47 -12.99
N ARG A 370 15.74 22.66 -14.03
CA ARG A 370 16.19 23.06 -15.37
C ARG A 370 15.38 24.25 -15.86
N SER A 371 14.11 24.31 -15.49
CA SER A 371 13.23 25.41 -15.89
C SER A 371 13.75 26.71 -15.29
N LEU A 372 14.15 26.64 -14.02
CA LEU A 372 14.66 27.80 -13.30
C LEU A 372 15.99 28.31 -13.86
N GLU A 373 16.94 27.39 -14.00
CA GLU A 373 18.28 27.74 -14.49
C GLU A 373 18.32 28.12 -15.95
N SER A 374 17.29 27.76 -16.71
CA SER A 374 17.25 28.08 -18.13
C SER A 374 16.28 29.20 -18.49
N ASN A 375 15.76 29.89 -17.48
CA ASN A 375 14.85 31.01 -17.71
C ASN A 375 13.63 30.63 -18.55
N LYS A 376 13.04 29.47 -18.24
CA LYS A 376 11.86 28.98 -18.96
C LYS A 376 10.58 29.65 -18.47
N SER A 377 9.55 29.69 -19.32
CA SER A 377 8.28 30.33 -18.98
C SER A 377 7.39 29.56 -18.01
N THR A 378 7.68 28.28 -17.77
CA THR A 378 6.90 27.46 -16.84
C THR A 378 7.82 26.48 -16.14
N PHE A 379 7.31 25.81 -15.11
CA PHE A 379 8.09 24.82 -14.38
C PHE A 379 8.22 23.53 -15.18
N GLY A 380 7.62 23.52 -16.36
CA GLY A 380 7.69 22.37 -17.23
C GLY A 380 8.58 22.70 -18.43
N GLU A 381 9.66 23.41 -18.13
CA GLU A 381 10.63 23.84 -19.13
C GLU A 381 9.99 24.54 -20.32
N GLY A 382 8.96 25.34 -20.05
CA GLY A 382 8.30 26.07 -21.12
C GLY A 382 6.96 25.53 -21.56
N SER A 383 6.71 24.24 -21.31
CA SER A 383 5.44 23.62 -21.69
C SER A 383 4.44 23.71 -20.55
N GLU A 384 3.16 23.76 -20.90
CA GLU A 384 2.09 23.84 -19.91
C GLU A 384 1.70 22.47 -19.38
N TRP A 385 1.53 21.51 -20.28
CA TRP A 385 1.14 20.16 -19.89
C TRP A 385 2.29 19.17 -20.00
N GLY A 386 2.26 18.15 -19.15
CA GLY A 386 3.32 17.15 -19.18
C GLY A 386 2.89 15.83 -18.58
N PHE A 387 3.68 14.79 -18.82
CA PHE A 387 3.40 13.46 -18.31
C PHE A 387 4.52 12.94 -17.42
N LEU A 388 4.16 12.42 -16.25
CA LEU A 388 5.14 11.82 -15.35
C LEU A 388 4.84 10.32 -15.52
N ILE A 389 5.85 9.54 -15.84
CA ILE A 389 5.65 8.11 -16.10
C ILE A 389 6.56 7.15 -15.34
N GLY A 390 5.94 6.13 -14.77
CA GLY A 390 6.69 5.12 -14.05
C GLY A 390 6.29 3.76 -14.61
N PHE A 391 7.16 2.76 -14.47
CA PHE A 391 6.81 1.43 -14.95
C PHE A 391 7.48 0.37 -14.10
N GLY A 392 6.91 -0.83 -14.13
CA GLY A 392 7.45 -1.92 -13.33
C GLY A 392 6.68 -3.20 -13.54
N PRO A 393 6.81 -4.16 -12.61
CA PRO A 393 6.17 -5.48 -12.60
C PRO A 393 4.73 -5.54 -13.10
N GLY A 394 4.41 -6.68 -13.72
CA GLY A 394 3.10 -6.92 -14.28
C GLY A 394 3.08 -6.05 -15.51
N LEU A 395 4.26 -5.52 -15.80
CA LEU A 395 4.47 -4.58 -16.87
C LEU A 395 3.34 -3.59 -16.75
N THR A 396 3.39 -2.90 -15.63
CA THR A 396 2.44 -1.88 -15.29
C THR A 396 3.08 -0.57 -15.68
N VAL A 397 2.30 0.29 -16.33
CA VAL A 397 2.78 1.62 -16.69
C VAL A 397 1.83 2.55 -15.94
N GLU A 398 2.39 3.46 -15.16
CA GLU A 398 1.57 4.44 -14.43
C GLU A 398 1.90 5.81 -14.98
N THR A 399 0.89 6.67 -15.10
CA THR A 399 1.12 8.00 -15.63
C THR A 399 0.24 9.05 -15.01
N LEU A 400 0.79 10.25 -14.86
CA LEU A 400 0.05 11.37 -14.33
C LEU A 400 0.19 12.53 -15.30
N LEU A 401 -0.92 13.22 -15.54
CA LEU A 401 -0.94 14.38 -16.42
C LEU A 401 -0.74 15.55 -15.46
N LEU A 402 0.30 16.35 -15.71
CA LEU A 402 0.60 17.49 -14.86
C LEU A 402 0.50 18.80 -15.63
N ARG A 403 0.13 19.86 -14.92
CA ARG A 403 0.06 21.18 -15.55
C ARG A 403 1.09 22.02 -14.80
N ALA A 404 2.07 22.55 -15.52
CA ALA A 404 3.10 23.36 -14.90
C ALA A 404 2.65 24.81 -14.76
N LEU A 405 2.87 25.40 -13.59
CA LEU A 405 2.49 26.78 -13.35
C LEU A 405 3.48 27.73 -14.03
N PRO A 406 3.04 28.96 -14.35
CA PRO A 406 3.91 29.94 -15.00
C PRO A 406 5.12 30.26 -14.15
N LEU A 407 6.22 30.60 -14.80
CA LEU A 407 7.45 30.93 -14.10
C LEU A 407 7.97 32.27 -14.63
N GLN A 408 8.21 33.21 -13.72
CA GLN A 408 8.70 34.54 -14.08
C GLN A 408 9.96 34.46 -14.93
N GLN A 409 10.01 35.25 -16.00
CA GLN A 409 11.17 35.26 -16.88
C GLN A 409 11.91 36.59 -16.80
N ALA A 410 13.23 36.53 -16.95
CA ALA A 410 14.07 37.72 -16.91
C ALA A 410 13.91 38.52 -18.20
N MET B 1 -8.81 16.66 -30.55
CA MET B 1 -10.10 15.91 -30.49
C MET B 1 -10.65 15.69 -31.91
N LYS B 2 -10.83 14.43 -32.28
CA LYS B 2 -11.34 14.10 -33.60
C LYS B 2 -12.86 14.09 -33.66
N HIS B 3 -13.40 14.44 -34.82
CA HIS B 3 -14.83 14.46 -35.04
C HIS B 3 -15.09 13.98 -36.47
N HIS B 4 -15.79 12.87 -36.61
CA HIS B 4 -16.07 12.29 -37.92
C HIS B 4 -14.75 12.12 -38.67
N HIS B 5 -14.60 12.76 -39.81
CA HIS B 5 -13.37 12.64 -40.58
C HIS B 5 -12.45 13.87 -40.50
N HIS B 6 -12.69 14.72 -39.50
CA HIS B 6 -11.85 15.90 -39.31
C HIS B 6 -11.43 16.06 -37.86
N HIS B 7 -10.93 17.25 -37.52
CA HIS B 7 -10.47 17.52 -36.16
C HIS B 7 -10.88 18.90 -35.64
N HIS B 8 -10.66 19.09 -34.34
CA HIS B 8 -10.96 20.35 -33.67
C HIS B 8 -9.91 20.59 -32.58
N HIS B 9 -9.57 21.85 -32.34
CA HIS B 9 -8.58 22.19 -31.34
C HIS B 9 -9.14 23.20 -30.35
N GLY B 21 -7.47 21.87 -21.69
CA GLY B 21 -8.91 21.91 -21.47
C GLY B 21 -9.27 22.80 -20.31
N SER B 22 -9.10 22.30 -19.09
CA SER B 22 -9.41 23.07 -17.89
C SER B 22 -8.13 23.66 -17.31
N SER B 23 -7.97 24.97 -17.49
CA SER B 23 -6.79 25.67 -17.01
C SER B 23 -6.49 25.42 -15.53
N ARG B 24 -7.15 26.17 -14.65
CA ARG B 24 -6.93 26.04 -13.21
C ARG B 24 -7.78 24.95 -12.58
N SER B 25 -9.09 25.00 -12.80
CA SER B 25 -10.01 24.01 -12.24
C SER B 25 -9.64 22.58 -12.64
N ARG B 26 -10.34 21.60 -12.08
CA ARG B 26 -10.08 20.20 -12.35
C ARG B 26 -10.52 19.70 -13.73
N LEU B 27 -9.64 18.95 -14.38
CA LEU B 27 -9.94 18.40 -15.70
C LEU B 27 -10.99 17.29 -15.61
N ILE B 28 -10.95 16.52 -14.54
CA ILE B 28 -11.89 15.41 -14.34
C ILE B 28 -12.64 15.57 -13.02
N ALA B 29 -13.96 15.42 -13.09
CA ALA B 29 -14.85 15.59 -11.94
C ALA B 29 -14.79 14.56 -10.82
N GLN B 30 -15.20 15.01 -9.64
CA GLN B 30 -15.26 14.17 -8.45
C GLN B 30 -16.71 13.78 -8.21
N ALA B 31 -16.94 12.91 -7.25
CA ALA B 31 -18.30 12.48 -6.92
C ALA B 31 -18.96 13.49 -5.99
N VAL B 32 -20.25 13.34 -5.75
CA VAL B 32 -21.00 14.25 -4.90
C VAL B 32 -21.29 13.69 -3.51
N GLY B 33 -21.97 12.56 -3.45
CA GLY B 33 -22.30 11.97 -2.17
C GLY B 33 -21.16 11.25 -1.48
N PRO B 34 -21.37 10.81 -0.24
CA PRO B 34 -20.32 10.09 0.51
C PRO B 34 -20.14 8.70 -0.09
N ALA B 35 -18.96 8.12 0.12
CA ALA B 35 -18.71 6.78 -0.38
C ALA B 35 -19.67 5.87 0.36
N THR B 36 -20.21 4.85 -0.32
CA THR B 36 -21.14 3.94 0.33
C THR B 36 -20.74 2.50 0.07
N VAL B 37 -21.07 1.63 1.02
CA VAL B 37 -20.81 0.20 0.88
C VAL B 37 -21.98 -0.32 0.06
N LEU B 38 -21.69 -0.79 -1.15
CA LEU B 38 -22.72 -1.28 -2.06
C LEU B 38 -22.95 -2.78 -2.01
N ALA B 39 -21.96 -3.50 -1.51
CA ALA B 39 -22.05 -4.95 -1.40
C ALA B 39 -20.86 -5.47 -0.61
N MET B 40 -21.00 -6.64 -0.02
CA MET B 40 -19.94 -7.27 0.76
C MET B 40 -19.93 -8.76 0.49
N GLY B 41 -18.73 -9.33 0.35
CA GLY B 41 -18.62 -10.76 0.09
C GLY B 41 -17.49 -11.33 0.92
N LYS B 42 -17.49 -12.64 1.13
CA LYS B 42 -16.45 -13.25 1.93
C LYS B 42 -16.21 -14.69 1.51
N ALA B 43 -15.06 -15.24 1.92
CA ALA B 43 -14.71 -16.62 1.60
C ALA B 43 -13.68 -17.15 2.58
N VAL B 44 -13.73 -18.46 2.82
CA VAL B 44 -12.79 -19.11 3.73
C VAL B 44 -12.41 -20.45 3.11
N PRO B 45 -11.21 -20.95 3.41
CA PRO B 45 -10.81 -22.25 2.85
C PRO B 45 -11.74 -23.36 3.33
N ALA B 46 -11.65 -24.53 2.69
CA ALA B 46 -12.51 -25.67 2.99
C ALA B 46 -12.26 -26.43 4.28
N ASN B 47 -10.99 -26.55 4.69
CA ASN B 47 -10.64 -27.29 5.89
C ASN B 47 -11.06 -26.63 7.20
N VAL B 48 -11.99 -27.28 7.91
CA VAL B 48 -12.48 -26.77 9.17
C VAL B 48 -11.74 -27.44 10.34
N PHE B 49 -11.24 -26.62 11.27
CA PHE B 49 -10.55 -27.15 12.43
C PHE B 49 -11.21 -26.71 13.73
N GLU B 50 -11.80 -27.67 14.43
CA GLU B 50 -12.48 -27.40 15.69
C GLU B 50 -11.44 -26.98 16.72
N GLN B 51 -11.71 -25.88 17.42
CA GLN B 51 -10.79 -25.37 18.43
C GLN B 51 -10.60 -26.34 19.60
N ALA B 52 -11.69 -26.99 20.02
CA ALA B 52 -11.64 -27.93 21.14
C ALA B 52 -10.48 -28.92 21.03
N THR B 53 -10.33 -29.53 19.87
CA THR B 53 -9.26 -30.51 19.65
C THR B 53 -8.13 -30.01 18.76
N TYR B 54 -8.03 -28.71 18.53
CA TYR B 54 -6.95 -28.21 17.69
C TYR B 54 -5.59 -28.54 18.27
N PRO B 55 -5.43 -28.51 19.60
CA PRO B 55 -4.13 -28.83 20.19
C PRO B 55 -3.60 -30.20 19.76
N ASP B 56 -4.49 -31.19 19.66
CA ASP B 56 -4.09 -32.54 19.24
C ASP B 56 -3.48 -32.53 17.86
N PHE B 57 -4.17 -31.92 16.90
CA PHE B 57 -3.68 -31.84 15.54
C PHE B 57 -2.37 -31.06 15.49
N PHE B 58 -2.36 -29.89 16.11
CA PHE B 58 -1.21 -29.01 16.14
C PHE B 58 0.06 -29.66 16.70
N PHE B 59 -0.04 -30.26 17.88
CA PHE B 59 1.13 -30.89 18.48
C PHE B 59 1.55 -32.17 17.75
N ASN B 60 0.62 -32.79 17.02
CA ASN B 60 0.95 -34.00 16.27
C ASN B 60 1.72 -33.65 15.01
N ILE B 61 1.18 -32.73 14.21
CA ILE B 61 1.80 -32.34 12.96
C ILE B 61 3.15 -31.64 13.16
N THR B 62 3.38 -31.05 14.33
CA THR B 62 4.65 -30.38 14.58
C THR B 62 5.59 -31.23 15.43
N ASN B 63 5.27 -32.51 15.55
CA ASN B 63 6.08 -33.45 16.32
C ASN B 63 6.41 -32.93 17.71
N SER B 64 5.38 -32.47 18.44
CA SER B 64 5.58 -31.93 19.78
C SER B 64 4.85 -32.73 20.85
N ASN B 65 4.51 -33.98 20.55
CA ASN B 65 3.78 -34.80 21.52
C ASN B 65 4.52 -35.09 22.82
N ASP B 66 5.84 -34.90 22.83
CA ASP B 66 6.61 -35.14 24.04
C ASP B 66 6.76 -33.84 24.84
N LYS B 67 5.81 -32.93 24.65
CA LYS B 67 5.82 -31.64 25.35
C LYS B 67 4.44 -31.39 25.94
N PRO B 68 4.00 -32.27 26.86
CA PRO B 68 2.69 -32.18 27.52
C PRO B 68 2.40 -30.90 28.29
N ALA B 69 3.40 -30.35 28.96
CA ALA B 69 3.21 -29.12 29.71
C ALA B 69 2.86 -27.98 28.76
N LEU B 70 3.62 -27.87 27.68
CA LEU B 70 3.39 -26.83 26.70
C LEU B 70 2.03 -27.04 26.05
N LYS B 71 1.67 -28.30 25.82
CA LYS B 71 0.39 -28.62 25.20
C LYS B 71 -0.75 -28.22 26.14
N ALA B 72 -0.57 -28.42 27.44
CA ALA B 72 -1.59 -28.05 28.41
C ALA B 72 -1.75 -26.54 28.41
N LYS B 73 -0.64 -25.83 28.21
CA LYS B 73 -0.66 -24.38 28.17
C LYS B 73 -1.42 -23.92 26.94
N PHE B 74 -1.14 -24.54 25.80
CA PHE B 74 -1.81 -24.21 24.54
C PHE B 74 -3.30 -24.55 24.60
N GLN B 75 -3.63 -25.67 25.23
CA GLN B 75 -5.03 -26.08 25.37
C GLN B 75 -5.79 -25.03 26.17
N ARG B 76 -5.15 -24.52 27.22
CA ARG B 76 -5.75 -23.51 28.07
C ARG B 76 -5.99 -22.23 27.27
N ILE B 77 -5.02 -21.86 26.44
CA ILE B 77 -5.15 -20.69 25.60
C ILE B 77 -6.31 -20.88 24.62
N CYS B 78 -6.39 -22.07 24.04
CA CYS B 78 -7.46 -22.37 23.08
C CYS B 78 -8.83 -22.36 23.77
N ASP B 79 -8.91 -22.92 24.97
CA ASP B 79 -10.17 -22.98 25.70
C ASP B 79 -10.76 -21.61 26.04
N LYS B 80 -9.90 -20.62 26.24
CA LYS B 80 -10.37 -19.27 26.59
C LYS B 80 -10.34 -18.32 25.40
N SER B 81 -10.06 -18.84 24.22
CA SER B 81 -9.95 -18.02 23.01
C SER B 81 -11.26 -17.44 22.50
N GLY B 82 -12.38 -18.03 22.89
CA GLY B 82 -13.67 -17.55 22.42
C GLY B 82 -13.89 -17.99 20.98
N ILE B 83 -13.06 -18.92 20.52
CA ILE B 83 -13.14 -19.46 19.16
C ILE B 83 -13.66 -20.89 19.16
N LYS B 84 -14.61 -21.18 18.27
CA LYS B 84 -15.18 -22.52 18.18
C LYS B 84 -14.51 -23.30 17.05
N LYS B 85 -14.25 -22.61 15.95
CA LYS B 85 -13.61 -23.24 14.81
C LYS B 85 -12.90 -22.21 13.93
N ARG B 86 -11.99 -22.71 13.09
CA ARG B 86 -11.25 -21.89 12.15
C ARG B 86 -11.12 -22.65 10.84
N HIS B 87 -10.91 -21.91 9.75
CA HIS B 87 -10.76 -22.52 8.44
C HIS B 87 -9.32 -22.31 7.99
N PHE B 88 -8.71 -23.36 7.45
CA PHE B 88 -7.32 -23.28 6.99
C PHE B 88 -7.11 -23.94 5.64
N TYR B 89 -6.22 -23.37 4.83
CA TYR B 89 -5.87 -23.97 3.55
C TYR B 89 -4.87 -25.06 3.92
N LEU B 90 -4.08 -24.79 4.95
CA LEU B 90 -3.09 -25.75 5.41
C LEU B 90 -3.80 -27.00 5.92
N ASP B 91 -3.27 -28.17 5.58
CA ASP B 91 -3.84 -29.42 6.02
C ASP B 91 -2.71 -30.44 6.20
N GLN B 92 -3.08 -31.68 6.51
CA GLN B 92 -2.11 -32.73 6.71
C GLN B 92 -1.14 -32.87 5.53
N LYS B 93 -1.72 -33.01 4.34
CA LYS B 93 -0.93 -33.18 3.12
C LYS B 93 0.08 -32.07 2.85
N ILE B 94 -0.38 -30.83 2.87
CA ILE B 94 0.51 -29.71 2.60
C ILE B 94 1.64 -29.61 3.63
N LEU B 95 1.30 -29.72 4.91
CA LEU B 95 2.32 -29.63 5.94
C LEU B 95 3.34 -30.77 5.89
N GLU B 96 2.90 -31.96 5.52
CA GLU B 96 3.81 -33.10 5.42
C GLU B 96 4.76 -32.92 4.24
N SER B 97 4.32 -32.16 3.24
CA SER B 97 5.13 -31.89 2.06
C SER B 97 6.08 -30.72 2.28
N ASN B 98 5.95 -30.06 3.43
CA ASN B 98 6.79 -28.91 3.76
C ASN B 98 7.25 -29.01 5.21
N PRO B 99 8.08 -30.02 5.52
CA PRO B 99 8.59 -30.23 6.88
C PRO B 99 9.25 -29.02 7.55
N ALA B 100 9.85 -28.13 6.78
CA ALA B 100 10.49 -26.95 7.35
C ALA B 100 9.48 -26.08 8.10
N MET B 101 8.24 -26.06 7.59
CA MET B 101 7.20 -25.27 8.21
C MET B 101 6.70 -25.88 9.51
N CYS B 102 7.05 -27.15 9.73
CA CYS B 102 6.63 -27.84 10.95
C CYS B 102 7.69 -27.79 12.04
N THR B 103 8.74 -27.02 11.80
CA THR B 103 9.82 -26.86 12.78
C THR B 103 9.56 -25.52 13.46
N TYR B 104 10.42 -25.15 14.40
CA TYR B 104 10.25 -23.88 15.10
C TYR B 104 10.79 -22.70 14.28
N MET B 105 12.08 -22.72 13.99
CA MET B 105 12.69 -21.62 13.25
C MET B 105 13.63 -22.00 12.11
N GLU B 106 13.50 -23.21 11.57
CA GLU B 106 14.34 -23.62 10.46
C GLU B 106 14.04 -22.74 9.25
N THR B 107 15.04 -22.49 8.41
CA THR B 107 14.84 -21.66 7.22
C THR B 107 13.65 -22.22 6.43
N SER B 108 12.66 -21.39 6.14
CA SER B 108 11.46 -21.86 5.45
C SER B 108 10.67 -20.83 4.64
N LEU B 109 11.18 -19.62 4.51
CA LEU B 109 10.43 -18.59 3.77
C LEU B 109 10.02 -18.95 2.35
N ASN B 110 10.93 -19.55 1.58
CA ASN B 110 10.63 -19.91 0.20
C ASN B 110 9.41 -20.80 0.02
N CYS B 111 9.28 -21.85 0.83
CA CYS B 111 8.12 -22.72 0.69
C CYS B 111 6.86 -22.03 1.17
N ARG B 112 6.98 -21.17 2.17
CA ARG B 112 5.82 -20.43 2.69
C ARG B 112 5.32 -19.47 1.60
N GLN B 113 6.25 -18.77 0.96
CA GLN B 113 5.91 -17.82 -0.11
C GLN B 113 5.23 -18.52 -1.28
N GLU B 114 5.72 -19.70 -1.64
CA GLU B 114 5.13 -20.45 -2.76
C GLU B 114 3.66 -20.72 -2.49
N ILE B 115 3.35 -21.08 -1.25
CA ILE B 115 1.97 -21.37 -0.84
C ILE B 115 1.10 -20.11 -0.81
N ALA B 116 1.57 -19.10 -0.10
CA ALA B 116 0.83 -17.84 0.06
C ALA B 116 0.59 -17.06 -1.22
N VAL B 117 1.61 -16.94 -2.06
CA VAL B 117 1.49 -16.20 -3.31
C VAL B 117 0.35 -16.73 -4.19
N ALA B 118 0.06 -18.01 -4.07
CA ALA B 118 -1.00 -18.63 -4.85
C ALA B 118 -2.35 -18.62 -4.13
N GLN B 119 -2.35 -18.90 -2.83
CA GLN B 119 -3.59 -18.96 -2.06
C GLN B 119 -4.29 -17.62 -1.78
N VAL B 120 -3.51 -16.58 -1.51
CA VAL B 120 -4.11 -15.28 -1.21
C VAL B 120 -5.00 -14.77 -2.35
N PRO B 121 -4.48 -14.71 -3.59
CA PRO B 121 -5.34 -14.22 -4.66
C PRO B 121 -6.55 -15.13 -4.95
N LYS B 122 -6.37 -16.43 -4.73
CA LYS B 122 -7.44 -17.39 -4.95
C LYS B 122 -8.60 -17.12 -3.98
N LEU B 123 -8.26 -16.95 -2.71
CA LEU B 123 -9.29 -16.69 -1.70
C LEU B 123 -9.90 -15.32 -1.94
N ALA B 124 -9.08 -14.37 -2.37
CA ALA B 124 -9.55 -13.01 -2.63
C ALA B 124 -10.53 -13.01 -3.80
N LYS B 125 -10.23 -13.82 -4.82
CA LYS B 125 -11.10 -13.89 -5.98
C LYS B 125 -12.49 -14.39 -5.59
N GLU B 126 -12.54 -15.41 -4.73
CA GLU B 126 -13.82 -15.96 -4.30
C GLU B 126 -14.62 -14.94 -3.51
N ALA B 127 -13.97 -14.25 -2.59
CA ALA B 127 -14.65 -13.23 -1.80
C ALA B 127 -15.15 -12.13 -2.73
N SER B 128 -14.31 -11.72 -3.68
CA SER B 128 -14.67 -10.68 -4.63
C SER B 128 -15.86 -11.06 -5.50
N MET B 129 -15.87 -12.29 -6.01
CA MET B 129 -16.97 -12.76 -6.83
C MET B 129 -18.27 -12.73 -6.02
N ASN B 130 -18.19 -13.06 -4.74
CA ASN B 130 -19.39 -13.04 -3.91
C ASN B 130 -19.90 -11.61 -3.75
N ALA B 131 -18.98 -10.66 -3.59
CA ALA B 131 -19.38 -9.27 -3.45
C ALA B 131 -19.97 -8.77 -4.78
N ILE B 132 -19.28 -9.08 -5.87
CA ILE B 132 -19.73 -8.64 -7.19
C ILE B 132 -21.08 -9.24 -7.55
N LYS B 133 -21.33 -10.46 -7.07
CA LYS B 133 -22.61 -11.11 -7.34
C LYS B 133 -23.75 -10.38 -6.62
N GLU B 134 -23.52 -9.98 -5.37
CA GLU B 134 -24.55 -9.26 -4.62
C GLU B 134 -24.78 -7.90 -5.28
N TRP B 135 -23.69 -7.27 -5.69
CA TRP B 135 -23.74 -5.96 -6.34
C TRP B 135 -24.59 -6.06 -7.60
N GLY B 136 -24.38 -7.11 -8.38
CA GLY B 136 -25.15 -7.33 -9.59
C GLY B 136 -24.78 -6.54 -10.83
N ARG B 137 -23.64 -5.85 -10.79
CA ARG B 137 -23.18 -5.07 -11.94
C ARG B 137 -22.03 -5.78 -12.65
N PRO B 138 -21.78 -5.42 -13.93
CA PRO B 138 -20.70 -6.02 -14.71
C PRO B 138 -19.37 -5.72 -14.02
N LYS B 139 -18.46 -6.69 -14.00
CA LYS B 139 -17.18 -6.46 -13.35
C LYS B 139 -16.39 -5.38 -14.06
N SER B 140 -16.76 -5.11 -15.31
CA SER B 140 -16.09 -4.06 -16.09
C SER B 140 -16.32 -2.67 -15.51
N GLU B 141 -17.30 -2.52 -14.62
CA GLU B 141 -17.57 -1.22 -14.02
C GLU B 141 -16.65 -0.94 -12.82
N ILE B 142 -15.86 -1.94 -12.44
CA ILE B 142 -14.91 -1.77 -11.34
C ILE B 142 -13.74 -0.96 -11.90
N THR B 143 -13.51 0.21 -11.29
CA THR B 143 -12.46 1.11 -11.73
C THR B 143 -11.19 1.06 -10.89
N HIS B 144 -11.31 0.62 -9.64
CA HIS B 144 -10.16 0.55 -8.74
C HIS B 144 -10.19 -0.72 -7.92
N ILE B 145 -9.00 -1.20 -7.56
CA ILE B 145 -8.92 -2.36 -6.68
C ILE B 145 -7.92 -1.98 -5.58
N VAL B 146 -8.35 -2.13 -4.34
CA VAL B 146 -7.53 -1.79 -3.19
C VAL B 146 -7.44 -3.06 -2.37
N MET B 147 -6.22 -3.51 -2.11
CA MET B 147 -6.07 -4.77 -1.38
C MET B 147 -5.01 -4.77 -0.31
N ALA B 148 -5.23 -5.57 0.73
CA ALA B 148 -4.28 -5.71 1.82
C ALA B 148 -4.16 -7.17 2.21
N THR B 149 -2.95 -7.55 2.60
CA THR B 149 -2.68 -8.91 3.07
C THR B 149 -1.38 -8.86 3.84
N THR B 150 -1.26 -9.74 4.83
CA THR B 150 -0.05 -9.82 5.65
C THR B 150 0.55 -11.21 5.43
N SER B 151 0.01 -11.90 4.43
CA SER B 151 0.41 -13.26 4.08
C SER B 151 1.31 -13.34 2.85
N GLY B 152 2.58 -12.97 2.98
CA GLY B 152 3.49 -13.04 1.85
C GLY B 152 3.50 -11.79 0.98
N VAL B 153 4.52 -11.69 0.13
CA VAL B 153 4.67 -10.56 -0.78
C VAL B 153 5.27 -11.03 -2.10
N ASN B 154 4.89 -10.39 -3.19
CA ASN B 154 5.40 -10.76 -4.49
C ASN B 154 5.29 -9.60 -5.47
N MET B 155 5.99 -9.73 -6.59
CA MET B 155 5.99 -8.72 -7.63
C MET B 155 5.85 -9.43 -8.97
N PRO B 156 4.74 -9.19 -9.69
CA PRO B 156 3.60 -8.32 -9.41
C PRO B 156 2.90 -8.71 -8.11
N GLY B 157 2.17 -7.76 -7.52
CA GLY B 157 1.48 -8.01 -6.27
C GLY B 157 0.22 -8.85 -6.34
N ALA B 158 -0.28 -9.20 -5.16
CA ALA B 158 -1.48 -10.02 -5.05
C ALA B 158 -2.70 -9.34 -5.63
N GLU B 159 -2.72 -8.00 -5.65
CA GLU B 159 -3.88 -7.30 -6.19
C GLU B 159 -3.97 -7.49 -7.71
N LEU B 160 -2.83 -7.53 -8.38
CA LEU B 160 -2.85 -7.76 -9.82
C LEU B 160 -3.19 -9.24 -10.08
N ALA B 161 -2.64 -10.12 -9.26
CA ALA B 161 -2.95 -11.55 -9.43
C ALA B 161 -4.46 -11.75 -9.27
N THR B 162 -5.07 -11.03 -8.34
CA THR B 162 -6.51 -11.14 -8.11
C THR B 162 -7.28 -10.52 -9.26
N ALA B 163 -6.88 -9.33 -9.68
CA ALA B 163 -7.55 -8.66 -10.79
C ALA B 163 -7.54 -9.56 -12.04
N LYS B 164 -6.44 -10.28 -12.23
CA LYS B 164 -6.33 -11.19 -13.37
C LYS B 164 -7.29 -12.36 -13.24
N LEU B 165 -7.38 -12.95 -12.05
CA LEU B 165 -8.31 -14.06 -11.84
C LEU B 165 -9.76 -13.60 -12.06
N LEU B 166 -10.04 -12.36 -11.70
CA LEU B 166 -11.38 -11.80 -11.85
C LEU B 166 -11.68 -11.33 -13.27
N GLY B 167 -10.63 -11.02 -14.02
CA GLY B 167 -10.83 -10.54 -15.38
C GLY B 167 -11.26 -9.08 -15.40
N LEU B 168 -10.65 -8.26 -14.55
CA LEU B 168 -10.97 -6.84 -14.50
C LEU B 168 -10.30 -6.14 -15.67
N ARG B 169 -10.69 -4.90 -15.95
CA ARG B 169 -10.11 -4.14 -17.04
C ARG B 169 -8.60 -3.98 -16.81
N PRO B 170 -7.81 -3.95 -17.90
CA PRO B 170 -6.35 -3.81 -17.82
C PRO B 170 -5.91 -2.47 -17.24
N ASN B 171 -6.80 -1.48 -17.28
CA ASN B 171 -6.46 -0.16 -16.78
C ASN B 171 -7.04 0.16 -15.41
N VAL B 172 -7.40 -0.88 -14.65
CA VAL B 172 -7.92 -0.66 -13.31
C VAL B 172 -6.80 0.00 -12.49
N ARG B 173 -7.17 0.98 -11.68
CA ARG B 173 -6.18 1.66 -10.83
C ARG B 173 -6.04 0.82 -9.57
N ARG B 174 -4.80 0.49 -9.22
CA ARG B 174 -4.53 -0.37 -8.08
C ARG B 174 -3.80 0.23 -6.89
N VAL B 175 -4.10 -0.30 -5.72
CA VAL B 175 -3.44 0.10 -4.48
C VAL B 175 -3.23 -1.19 -3.71
N MET B 176 -1.97 -1.57 -3.52
CA MET B 176 -1.64 -2.79 -2.80
C MET B 176 -0.93 -2.41 -1.51
N MET B 177 -1.41 -2.94 -0.39
CA MET B 177 -0.80 -2.65 0.90
C MET B 177 -0.44 -3.94 1.64
N TYR B 178 0.79 -4.37 1.44
CA TYR B 178 1.33 -5.58 2.05
C TYR B 178 1.80 -5.35 3.48
N GLN B 179 1.84 -6.45 4.23
CA GLN B 179 2.34 -6.47 5.59
C GLN B 179 1.85 -5.39 6.55
N GLN B 180 0.56 -5.05 6.55
CA GLN B 180 0.09 -4.03 7.46
C GLN B 180 -0.43 -4.56 8.79
N GLY B 181 -1.00 -5.74 8.79
CA GLY B 181 -1.50 -6.29 10.05
C GLY B 181 -2.99 -6.20 10.26
N CSD B 182 -3.39 -6.43 11.51
CA CSD B 182 -4.79 -6.44 11.89
CB CSD B 182 -4.92 -6.86 13.35
SG CSD B 182 -4.41 -8.57 13.70
C CSD B 182 -5.65 -5.20 11.67
O CSD B 182 -6.87 -5.30 11.74
OD1 CSD B 182 -3.38 -9.11 12.87
OD2 CSD B 182 -5.10 -9.21 14.81
N PHE B 183 -5.05 -4.04 11.43
CA PHE B 183 -5.85 -2.83 11.23
C PHE B 183 -6.17 -2.53 9.76
N ALA B 184 -5.61 -3.31 8.85
CA ALA B 184 -5.81 -3.08 7.42
C ALA B 184 -7.24 -3.19 6.91
N GLY B 185 -8.12 -3.85 7.65
CA GLY B 185 -9.50 -3.97 7.21
C GLY B 185 -10.09 -2.57 7.13
N ALA B 186 -9.77 -1.75 8.11
CA ALA B 186 -10.27 -0.39 8.13
C ALA B 186 -9.50 0.44 7.11
N THR B 187 -8.20 0.15 6.95
CA THR B 187 -7.35 0.87 6.00
C THR B 187 -7.85 0.79 4.56
N VAL B 188 -8.22 -0.41 4.09
CA VAL B 188 -8.69 -0.53 2.70
C VAL B 188 -9.96 0.28 2.49
N LEU B 189 -10.81 0.37 3.51
CA LEU B 189 -12.03 1.14 3.39
C LEU B 189 -11.71 2.64 3.38
N ARG B 190 -10.75 3.06 4.21
CA ARG B 190 -10.35 4.47 4.27
C ARG B 190 -9.79 4.88 2.90
N VAL B 191 -8.98 4.02 2.32
CA VAL B 191 -8.41 4.31 1.00
C VAL B 191 -9.52 4.29 -0.06
N ALA B 192 -10.40 3.29 0.03
CA ALA B 192 -11.50 3.17 -0.93
C ALA B 192 -12.42 4.40 -0.87
N LYS B 193 -12.61 4.93 0.33
CA LYS B 193 -13.47 6.10 0.52
C LYS B 193 -13.01 7.28 -0.32
N ASP B 194 -11.72 7.63 -0.23
CA ASP B 194 -11.22 8.76 -1.01
C ASP B 194 -11.22 8.49 -2.50
N LEU B 195 -10.88 7.27 -2.91
CA LEU B 195 -10.88 6.92 -4.33
C LEU B 195 -12.29 7.02 -4.91
N ALA B 196 -13.27 6.52 -4.17
CA ALA B 196 -14.66 6.56 -4.64
C ALA B 196 -15.23 7.97 -4.65
N GLU B 197 -14.96 8.74 -3.59
CA GLU B 197 -15.50 10.10 -3.49
C GLU B 197 -14.84 11.12 -4.42
N ASN B 198 -13.58 10.91 -4.75
CA ASN B 198 -12.87 11.87 -5.60
C ASN B 198 -12.93 11.62 -7.10
N ASN B 199 -13.61 10.55 -7.51
CA ASN B 199 -13.71 10.21 -8.92
C ASN B 199 -15.14 9.85 -9.31
N ALA B 200 -15.76 10.71 -10.10
CA ALA B 200 -17.13 10.49 -10.55
C ALA B 200 -17.24 9.15 -11.26
N GLY B 201 -18.22 8.34 -10.86
CA GLY B 201 -18.43 7.05 -11.48
C GLY B 201 -17.58 5.90 -10.96
N ALA B 202 -16.57 6.21 -10.15
CA ALA B 202 -15.68 5.17 -9.63
C ALA B 202 -16.37 4.14 -8.74
N ARG B 203 -15.99 2.88 -8.93
CA ARG B 203 -16.51 1.76 -8.16
C ARG B 203 -15.27 0.99 -7.73
N VAL B 204 -15.04 0.98 -6.41
CA VAL B 204 -13.87 0.36 -5.83
C VAL B 204 -14.12 -1.01 -5.22
N LEU B 205 -13.25 -1.96 -5.56
CA LEU B 205 -13.32 -3.30 -5.01
C LEU B 205 -12.24 -3.28 -3.92
N ALA B 206 -12.66 -3.31 -2.65
CA ALA B 206 -11.72 -3.28 -1.52
C ALA B 206 -11.61 -4.70 -0.96
N ILE B 207 -10.38 -5.19 -0.86
CA ILE B 207 -10.15 -6.57 -0.44
C ILE B 207 -9.09 -6.78 0.63
N CYS B 208 -9.35 -7.77 1.49
CA CYS B 208 -8.41 -8.19 2.52
C CYS B 208 -8.42 -9.71 2.41
N SER B 209 -7.24 -10.31 2.26
CA SER B 209 -7.14 -11.77 2.15
C SER B 209 -5.97 -12.24 2.99
N GLU B 210 -6.24 -13.17 3.91
CA GLU B 210 -5.19 -13.67 4.79
C GLU B 210 -5.14 -15.19 4.88
N VAL B 211 -3.93 -15.75 4.88
CA VAL B 211 -3.71 -17.18 5.01
C VAL B 211 -2.57 -17.32 6.00
N THR B 212 -2.55 -18.42 6.76
CA THR B 212 -1.55 -18.64 7.80
C THR B 212 -0.24 -19.32 7.41
N ALA B 213 -0.05 -19.55 6.12
CA ALA B 213 1.16 -20.21 5.64
C ALA B 213 2.47 -19.55 6.09
N VAL B 214 2.46 -18.23 6.22
CA VAL B 214 3.68 -17.51 6.61
C VAL B 214 3.95 -17.43 8.11
N THR B 215 2.93 -17.64 8.93
CA THR B 215 3.10 -17.58 10.39
C THR B 215 3.11 -18.95 11.09
N PHE B 216 2.56 -19.96 10.44
CA PHE B 216 2.50 -21.29 11.04
C PHE B 216 3.89 -21.84 11.40
N ARG B 217 4.04 -22.34 12.63
CA ARG B 217 5.30 -22.93 13.06
C ARG B 217 5.12 -23.73 14.36
N ALA B 218 6.06 -24.61 14.64
CA ALA B 218 6.01 -25.44 15.85
C ALA B 218 5.96 -24.59 17.12
N PRO B 219 5.26 -25.08 18.15
CA PRO B 219 5.12 -24.38 19.43
C PRO B 219 6.42 -24.48 20.23
N SER B 220 6.71 -23.45 21.03
CA SER B 220 7.93 -23.44 21.84
C SER B 220 7.75 -22.59 23.10
N GLU B 221 8.31 -23.08 24.21
CA GLU B 221 8.21 -22.37 25.47
C GLU B 221 9.03 -21.09 25.42
N THR B 222 9.87 -20.95 24.40
CA THR B 222 10.70 -19.77 24.24
C THR B 222 10.01 -18.71 23.39
N HIS B 223 8.76 -18.98 23.01
CA HIS B 223 8.01 -18.04 22.19
C HIS B 223 6.51 -18.09 22.50
N ILE B 224 6.14 -17.61 23.67
CA ILE B 224 4.75 -17.61 24.10
C ILE B 224 3.82 -16.86 23.14
N ASP B 225 4.30 -15.74 22.60
CA ASP B 225 3.49 -14.97 21.65
C ASP B 225 3.08 -15.86 20.49
N GLY B 226 3.95 -16.80 20.13
CA GLY B 226 3.66 -17.71 19.04
C GLY B 226 2.54 -18.66 19.40
N LEU B 227 2.41 -18.96 20.69
CA LEU B 227 1.38 -19.86 21.17
C LEU B 227 0.01 -19.20 21.01
N VAL B 228 -0.06 -17.91 21.34
CA VAL B 228 -1.30 -17.15 21.22
C VAL B 228 -1.72 -17.08 19.76
N GLY B 229 -0.76 -16.79 18.89
CA GLY B 229 -1.05 -16.70 17.47
C GLY B 229 -1.55 -18.01 16.90
N SER B 230 -0.93 -19.11 17.28
CA SER B 230 -1.34 -20.42 16.78
C SER B 230 -2.74 -20.80 17.24
N ALA B 231 -3.23 -20.14 18.28
CA ALA B 231 -4.56 -20.42 18.79
C ALA B 231 -5.64 -19.51 18.22
N LEU B 232 -5.25 -18.32 17.76
CA LEU B 232 -6.21 -17.34 17.25
C LEU B 232 -6.31 -17.13 15.74
N PHE B 233 -5.18 -17.12 15.05
CA PHE B 233 -5.16 -16.88 13.60
C PHE B 233 -5.81 -17.93 12.72
N GLY B 234 -6.69 -17.46 11.83
CA GLY B 234 -7.37 -18.33 10.90
C GLY B 234 -7.29 -17.74 9.50
N ASP B 235 -7.80 -18.47 8.51
CA ASP B 235 -7.77 -18.00 7.11
C ASP B 235 -9.08 -17.37 6.69
N GLY B 236 -9.00 -16.39 5.79
CA GLY B 236 -10.21 -15.75 5.32
C GLY B 236 -9.98 -14.54 4.42
N ALA B 237 -10.98 -14.22 3.61
CA ALA B 237 -10.90 -13.06 2.73
C ALA B 237 -12.28 -12.42 2.67
N ALA B 238 -12.30 -11.10 2.55
CA ALA B 238 -13.54 -10.36 2.47
C ALA B 238 -13.36 -9.27 1.41
N ALA B 239 -14.43 -8.97 0.70
CA ALA B 239 -14.40 -7.95 -0.34
C ALA B 239 -15.60 -7.03 -0.19
N VAL B 240 -15.38 -5.75 -0.49
CA VAL B 240 -16.44 -4.77 -0.39
C VAL B 240 -16.45 -3.91 -1.66
N ILE B 241 -17.64 -3.63 -2.18
CA ILE B 241 -17.75 -2.78 -3.36
C ILE B 241 -18.11 -1.42 -2.79
N VAL B 242 -17.28 -0.42 -3.07
CA VAL B 242 -17.48 0.93 -2.57
C VAL B 242 -17.68 1.93 -3.69
N GLY B 243 -18.66 2.81 -3.53
CA GLY B 243 -18.90 3.82 -4.54
C GLY B 243 -19.80 4.94 -4.04
N SER B 244 -19.61 6.13 -4.60
CA SER B 244 -20.46 7.25 -4.24
C SER B 244 -21.55 7.36 -5.29
N ASP B 245 -22.60 8.10 -4.97
CA ASP B 245 -23.72 8.33 -5.88
C ASP B 245 -24.30 7.06 -6.51
N PRO B 246 -24.92 6.20 -5.68
CA PRO B 246 -25.53 4.94 -6.13
C PRO B 246 -26.57 5.22 -7.20
N ARG B 247 -26.63 4.38 -8.22
CA ARG B 247 -27.60 4.57 -9.28
C ARG B 247 -28.93 3.96 -8.85
N PRO B 248 -30.02 4.72 -8.98
CA PRO B 248 -31.33 4.21 -8.59
C PRO B 248 -31.72 2.92 -9.30
N GLY B 249 -32.30 1.99 -8.55
CA GLY B 249 -32.74 0.73 -9.12
C GLY B 249 -31.70 -0.37 -9.26
N ILE B 250 -30.48 -0.05 -9.68
CA ILE B 250 -29.46 -1.07 -9.85
C ILE B 250 -28.45 -1.16 -8.71
N GLU B 251 -28.43 -0.17 -7.83
CA GLU B 251 -27.50 -0.21 -6.71
C GLU B 251 -28.26 0.18 -5.45
N ARG B 252 -27.82 -0.36 -4.31
CA ARG B 252 -28.46 -0.07 -3.04
C ARG B 252 -27.42 0.08 -1.93
N PRO B 253 -27.25 1.30 -1.40
CA PRO B 253 -26.30 1.60 -0.34
C PRO B 253 -26.67 0.86 0.94
N ILE B 254 -25.66 0.31 1.63
CA ILE B 254 -25.91 -0.40 2.88
C ILE B 254 -25.44 0.50 4.02
N TYR B 255 -24.27 1.11 3.84
CA TYR B 255 -23.70 2.04 4.82
C TYR B 255 -23.06 3.18 4.04
N GLU B 256 -22.97 4.34 4.68
CA GLU B 256 -22.34 5.52 4.10
C GLU B 256 -21.11 5.77 4.98
N MET B 257 -19.98 6.09 4.35
CA MET B 257 -18.75 6.39 5.08
C MET B 257 -18.67 7.91 5.22
N HIS B 258 -18.61 8.41 6.45
CA HIS B 258 -18.57 9.86 6.67
C HIS B 258 -17.32 10.39 7.33
N TRP B 259 -16.54 9.51 7.94
CA TRP B 259 -15.29 9.92 8.57
C TRP B 259 -14.38 8.71 8.63
N ALA B 260 -13.09 8.93 8.36
CA ALA B 260 -12.10 7.87 8.42
C ALA B 260 -10.85 8.49 9.02
N GLY B 261 -10.37 7.91 10.11
CA GLY B 261 -9.17 8.45 10.73
C GLY B 261 -8.43 7.38 11.49
N GLU B 262 -7.29 7.74 12.05
CA GLU B 262 -6.49 6.78 12.81
C GLU B 262 -5.57 7.53 13.74
N MET B 263 -4.88 6.78 14.59
CA MET B 263 -3.93 7.39 15.50
C MET B 263 -3.07 6.34 16.15
N VAL B 264 -1.86 6.74 16.52
CA VAL B 264 -0.92 5.87 17.18
C VAL B 264 -1.08 6.17 18.66
N LEU B 265 -1.31 5.14 19.47
CA LEU B 265 -1.53 5.32 20.90
C LEU B 265 -0.26 5.68 21.69
N PRO B 266 -0.42 6.55 22.71
CA PRO B 266 0.72 6.98 23.53
C PRO B 266 1.29 5.79 24.30
N GLU B 267 2.59 5.84 24.58
CA GLU B 267 3.28 4.80 25.33
C GLU B 267 3.03 3.39 24.82
N SER B 268 2.94 3.23 23.50
CA SER B 268 2.68 1.93 22.92
C SER B 268 3.78 1.47 21.97
N ASP B 269 4.89 2.21 21.93
CA ASP B 269 5.98 1.85 21.04
C ASP B 269 6.48 0.44 21.33
N GLY B 270 6.57 -0.38 20.29
CA GLY B 270 7.04 -1.74 20.45
C GLY B 270 5.97 -2.71 20.96
N ALA B 271 4.74 -2.23 21.09
CA ALA B 271 3.66 -3.08 21.57
C ALA B 271 3.53 -4.35 20.73
N ILE B 272 3.57 -4.20 19.41
CA ILE B 272 3.46 -5.34 18.50
C ILE B 272 4.43 -5.21 17.34
N ASP B 273 5.45 -6.06 17.31
CA ASP B 273 6.42 -6.04 16.22
C ASP B 273 6.28 -7.30 15.37
N GLY B 274 6.27 -7.12 14.06
CA GLY B 274 6.15 -8.25 13.16
C GLY B 274 7.36 -8.27 12.24
N HIS B 275 8.12 -9.37 12.28
CA HIS B 275 9.32 -9.48 11.46
C HIS B 275 9.21 -10.56 10.41
N LEU B 276 9.42 -10.19 9.15
CA LEU B 276 9.39 -11.16 8.06
C LEU B 276 10.83 -11.64 7.98
N THR B 277 11.03 -12.92 8.30
CA THR B 277 12.36 -13.50 8.35
C THR B 277 12.55 -14.71 7.44
N GLU B 278 13.76 -15.26 7.52
CA GLU B 278 14.13 -16.45 6.76
C GLU B 278 13.24 -17.61 7.20
N ALA B 279 12.65 -17.49 8.38
CA ALA B 279 11.78 -18.52 8.94
C ALA B 279 10.31 -18.14 8.83
N GLY B 280 10.02 -17.10 8.08
CA GLY B 280 8.64 -16.67 7.94
C GLY B 280 8.33 -15.47 8.80
N LEU B 281 7.04 -15.24 9.06
CA LEU B 281 6.61 -14.11 9.86
C LEU B 281 6.56 -14.45 11.35
N VAL B 282 7.25 -13.65 12.16
CA VAL B 282 7.29 -13.86 13.60
C VAL B 282 6.84 -12.60 14.34
N PHE B 283 5.93 -12.78 15.28
CA PHE B 283 5.40 -11.67 16.07
C PHE B 283 5.97 -11.65 17.49
N HIS B 284 6.24 -10.43 17.97
CA HIS B 284 6.76 -10.23 19.31
C HIS B 284 5.92 -9.15 19.97
N LEU B 285 5.30 -9.46 21.11
CA LEU B 285 4.48 -8.51 21.85
C LEU B 285 5.26 -8.03 23.06
N LEU B 286 5.17 -6.75 23.37
CA LEU B 286 5.90 -6.20 24.51
C LEU B 286 5.09 -5.51 25.59
N LYS B 287 3.87 -5.10 25.26
CA LYS B 287 3.05 -4.40 26.25
C LYS B 287 1.65 -4.98 26.34
N ASP B 288 0.83 -4.36 27.18
CA ASP B 288 -0.55 -4.80 27.36
C ASP B 288 -1.42 -4.11 26.32
N VAL B 289 -1.60 -4.77 25.18
CA VAL B 289 -2.39 -4.23 24.08
C VAL B 289 -3.83 -3.90 24.47
N PRO B 290 -4.55 -4.87 25.05
CA PRO B 290 -5.94 -4.59 25.43
C PRO B 290 -6.02 -3.39 26.37
N GLY B 291 -5.07 -3.31 27.31
CA GLY B 291 -5.05 -2.19 28.25
C GLY B 291 -4.83 -0.85 27.57
N LEU B 292 -3.86 -0.79 26.69
CA LEU B 292 -3.54 0.44 25.96
C LEU B 292 -4.70 0.93 25.12
N ILE B 293 -5.39 0.00 24.46
CA ILE B 293 -6.53 0.35 23.63
C ILE B 293 -7.71 0.83 24.48
N THR B 294 -8.01 0.09 25.53
CA THR B 294 -9.13 0.43 26.41
C THR B 294 -8.95 1.80 27.06
N LYS B 295 -7.72 2.10 27.45
CA LYS B 295 -7.39 3.37 28.08
C LYS B 295 -7.51 4.58 27.14
N ASN B 296 -7.28 4.34 25.85
CA ASN B 296 -7.30 5.43 24.87
C ASN B 296 -8.46 5.48 23.87
N ILE B 297 -9.17 4.37 23.69
CA ILE B 297 -10.25 4.32 22.71
C ILE B 297 -11.32 5.39 22.88
N GLY B 298 -11.78 5.61 24.11
CA GLY B 298 -12.81 6.61 24.35
C GLY B 298 -12.49 8.01 23.85
N GLY B 299 -11.32 8.52 24.23
CA GLY B 299 -10.91 9.84 23.82
C GLY B 299 -10.78 10.00 22.32
N PHE B 300 -10.29 8.95 21.67
CA PHE B 300 -10.13 8.98 20.22
C PHE B 300 -11.48 9.07 19.51
N LEU B 301 -12.43 8.24 19.94
CA LEU B 301 -13.76 8.20 19.35
C LEU B 301 -14.67 9.38 19.72
N LYS B 302 -14.48 9.95 20.91
CA LYS B 302 -15.32 11.06 21.38
C LYS B 302 -15.49 12.19 20.38
N ASP B 303 -14.38 12.72 19.87
CA ASP B 303 -14.43 13.82 18.91
C ASP B 303 -15.29 13.50 17.70
N THR B 304 -15.13 12.29 17.17
CA THR B 304 -15.90 11.89 16.00
C THR B 304 -17.39 11.79 16.33
N LYS B 305 -17.72 11.17 17.46
CA LYS B 305 -19.12 11.06 17.87
C LYS B 305 -19.77 12.44 17.88
N ASN B 306 -19.04 13.41 18.42
CA ASN B 306 -19.54 14.78 18.53
C ASN B 306 -19.84 15.41 17.18
N LEU B 307 -19.16 14.95 16.14
CA LEU B 307 -19.39 15.49 14.80
C LEU B 307 -20.84 15.31 14.38
N VAL B 308 -21.47 14.25 14.87
CA VAL B 308 -22.86 13.96 14.52
C VAL B 308 -23.81 14.05 15.71
N GLY B 309 -23.35 14.68 16.78
CA GLY B 309 -24.18 14.84 17.96
C GLY B 309 -24.51 13.60 18.78
N ALA B 310 -23.74 12.53 18.61
CA ALA B 310 -24.00 11.31 19.37
C ALA B 310 -23.47 11.52 20.78
N SER B 311 -24.29 11.29 21.78
CA SER B 311 -23.87 11.47 23.17
C SER B 311 -23.52 10.19 23.90
N SER B 312 -24.29 9.13 23.67
CA SER B 312 -24.05 7.85 24.33
C SER B 312 -23.41 6.82 23.42
N TRP B 313 -22.55 5.97 24.00
CA TRP B 313 -21.89 4.93 23.25
C TRP B 313 -22.90 3.90 22.76
N ASN B 314 -23.98 3.71 23.52
CA ASN B 314 -24.99 2.72 23.18
C ASN B 314 -25.99 3.09 22.09
N GLU B 315 -25.91 4.31 21.58
CA GLU B 315 -26.84 4.68 20.52
C GLU B 315 -26.18 4.34 19.18
N LEU B 316 -24.97 3.79 19.25
CA LEU B 316 -24.20 3.43 18.07
C LEU B 316 -24.08 1.92 17.86
N PHE B 317 -23.85 1.50 16.61
CA PHE B 317 -23.64 0.08 16.35
C PHE B 317 -22.13 -0.05 16.22
N TRP B 318 -21.61 -1.26 16.45
CA TRP B 318 -20.18 -1.50 16.42
C TRP B 318 -19.72 -2.67 15.57
N ALA B 319 -18.63 -2.45 14.83
CA ALA B 319 -18.02 -3.48 14.01
C ALA B 319 -16.57 -3.41 14.42
N VAL B 320 -16.23 -4.15 15.48
CA VAL B 320 -14.87 -4.13 16.01
C VAL B 320 -14.05 -5.36 15.67
N HIS B 321 -12.79 -5.14 15.29
CA HIS B 321 -11.89 -6.23 14.97
C HIS B 321 -11.78 -7.17 16.15
N PRO B 322 -12.13 -8.46 15.95
CA PRO B 322 -12.06 -9.44 17.03
C PRO B 322 -10.63 -9.96 17.18
N GLY B 323 -9.74 -9.09 17.65
CA GLY B 323 -8.36 -9.49 17.81
C GLY B 323 -8.25 -10.67 18.78
N GLY B 324 -9.15 -10.67 19.76
CA GLY B 324 -9.18 -11.71 20.75
C GLY B 324 -10.28 -11.40 21.74
N PRO B 325 -10.61 -12.31 22.66
CA PRO B 325 -11.67 -12.06 23.63
C PRO B 325 -11.36 -10.97 24.65
N ALA B 326 -10.09 -10.83 25.00
CA ALA B 326 -9.66 -9.82 25.98
C ALA B 326 -9.97 -8.38 25.55
N ILE B 327 -9.60 -8.04 24.31
CA ILE B 327 -9.85 -6.69 23.82
C ILE B 327 -11.35 -6.38 23.83
N LEU B 328 -12.17 -7.33 23.37
CA LEU B 328 -13.61 -7.14 23.33
C LEU B 328 -14.21 -6.96 24.73
N ASP B 329 -13.81 -7.83 25.66
CA ASP B 329 -14.33 -7.73 27.02
C ASP B 329 -13.98 -6.41 27.71
N GLN B 330 -12.71 -6.02 27.63
CA GLN B 330 -12.26 -4.78 28.26
C GLN B 330 -12.84 -3.49 27.67
N VAL B 331 -12.95 -3.43 26.35
CA VAL B 331 -13.51 -2.23 25.71
C VAL B 331 -15.00 -2.15 26.06
N GLU B 332 -15.66 -3.29 25.99
CA GLU B 332 -17.09 -3.39 26.31
C GLU B 332 -17.33 -2.84 27.71
N ALA B 333 -16.52 -3.30 28.67
CA ALA B 333 -16.65 -2.86 30.05
C ALA B 333 -16.34 -1.37 30.19
N LYS B 334 -15.24 -0.95 29.57
CA LYS B 334 -14.82 0.45 29.63
C LYS B 334 -15.88 1.41 29.13
N LEU B 335 -16.51 1.08 28.00
CA LEU B 335 -17.54 1.94 27.43
C LEU B 335 -18.93 1.58 27.94
N GLU B 336 -18.99 0.62 28.86
CA GLU B 336 -20.26 0.20 29.43
C GLU B 336 -21.31 -0.03 28.36
N LEU B 337 -20.97 -0.84 27.37
CA LEU B 337 -21.88 -1.15 26.27
C LEU B 337 -22.85 -2.26 26.63
N GLU B 338 -24.03 -2.22 26.03
CA GLU B 338 -25.04 -3.26 26.22
C GLU B 338 -24.42 -4.52 25.63
N LYS B 339 -24.64 -5.65 26.28
CA LYS B 339 -24.08 -6.94 25.83
C LYS B 339 -24.18 -7.22 24.33
N GLY B 340 -25.29 -6.87 23.71
CA GLY B 340 -25.46 -7.13 22.29
C GLY B 340 -24.64 -6.29 21.32
N LYS B 341 -24.07 -5.18 21.78
CA LYS B 341 -23.30 -4.30 20.90
C LYS B 341 -22.12 -4.99 20.21
N PHE B 342 -21.42 -5.86 20.92
CA PHE B 342 -20.26 -6.56 20.35
C PHE B 342 -20.57 -7.98 19.90
N GLN B 343 -21.84 -8.35 19.86
CA GLN B 343 -22.19 -9.72 19.47
C GLN B 343 -21.71 -10.10 18.07
N ALA B 344 -21.82 -9.19 17.12
CA ALA B 344 -21.39 -9.50 15.76
C ALA B 344 -19.89 -9.81 15.77
N SER B 345 -19.12 -9.03 16.53
CA SER B 345 -17.69 -9.27 16.61
C SER B 345 -17.42 -10.64 17.24
N ARG B 346 -18.17 -10.97 18.28
CA ARG B 346 -17.98 -12.25 18.95
C ARG B 346 -18.43 -13.42 18.08
N ASP B 347 -19.41 -13.18 17.20
CA ASP B 347 -19.90 -14.22 16.30
C ASP B 347 -18.79 -14.61 15.33
N ILE B 348 -18.07 -13.61 14.82
CA ILE B 348 -16.99 -13.86 13.87
C ILE B 348 -15.82 -14.57 14.56
N LEU B 349 -15.44 -14.08 15.74
CA LEU B 349 -14.33 -14.69 16.47
C LEU B 349 -14.64 -16.17 16.69
N SER B 350 -15.88 -16.44 17.07
CA SER B 350 -16.34 -17.80 17.33
C SER B 350 -16.34 -18.71 16.10
N ASP B 351 -16.83 -18.21 14.97
CA ASP B 351 -16.91 -19.03 13.77
C ASP B 351 -15.68 -19.02 12.85
N TYR B 352 -14.81 -18.03 13.02
CA TYR B 352 -13.65 -17.92 12.13
C TYR B 352 -12.31 -17.62 12.78
N GLY B 353 -12.32 -17.25 14.05
CA GLY B 353 -11.08 -16.91 14.71
C GLY B 353 -10.62 -15.55 14.20
N ASN B 354 -9.34 -15.24 14.41
CA ASN B 354 -8.76 -13.96 13.98
C ASN B 354 -8.17 -14.10 12.58
N MET B 355 -8.87 -13.56 11.59
CA MET B 355 -8.39 -13.64 10.20
C MET B 355 -7.66 -12.36 9.82
N SER B 356 -6.93 -11.79 10.79
CA SER B 356 -6.18 -10.57 10.58
C SER B 356 -7.03 -9.45 9.99
N SER B 357 -6.52 -8.78 8.95
CA SER B 357 -7.24 -7.65 8.33
C SER B 357 -8.66 -7.92 7.83
N ALA B 358 -8.95 -9.13 7.35
CA ALA B 358 -10.29 -9.43 6.84
C ALA B 358 -11.36 -9.56 7.92
N SER B 359 -10.95 -9.83 9.15
CA SER B 359 -11.88 -10.02 10.28
C SER B 359 -12.93 -8.94 10.48
N VAL B 360 -12.53 -7.68 10.48
CA VAL B 360 -13.48 -6.61 10.71
C VAL B 360 -14.48 -6.48 9.57
N LEU B 361 -14.08 -6.89 8.37
CA LEU B 361 -14.98 -6.82 7.22
C LEU B 361 -16.03 -7.93 7.37
N PHE B 362 -15.61 -9.07 7.92
CA PHE B 362 -16.54 -10.16 8.17
C PHE B 362 -17.52 -9.66 9.23
N VAL B 363 -17.03 -8.90 10.20
CA VAL B 363 -17.91 -8.40 11.25
C VAL B 363 -18.96 -7.43 10.70
N LEU B 364 -18.56 -6.53 9.81
CA LEU B 364 -19.51 -5.60 9.24
C LEU B 364 -20.61 -6.35 8.49
N ASP B 365 -20.23 -7.38 7.73
CA ASP B 365 -21.20 -8.17 6.99
C ASP B 365 -22.15 -8.85 7.97
N ARG B 366 -21.61 -9.29 9.10
CA ARG B 366 -22.41 -9.95 10.13
C ARG B 366 -23.41 -8.97 10.77
N VAL B 367 -23.02 -7.71 10.88
CA VAL B 367 -23.90 -6.69 11.45
C VAL B 367 -25.12 -6.55 10.52
N ARG B 368 -24.85 -6.50 9.23
CA ARG B 368 -25.91 -6.41 8.23
C ARG B 368 -26.80 -7.66 8.32
N GLU B 369 -26.15 -8.81 8.50
CA GLU B 369 -26.83 -10.10 8.60
C GLU B 369 -27.78 -10.15 9.81
N ARG B 370 -27.29 -9.75 10.97
CA ARG B 370 -28.10 -9.74 12.20
C ARG B 370 -29.27 -8.77 12.06
N SER B 371 -29.04 -7.63 11.40
CA SER B 371 -30.09 -6.64 11.21
C SER B 371 -31.22 -7.27 10.41
N LEU B 372 -30.85 -7.98 9.35
CA LEU B 372 -31.83 -8.65 8.48
C LEU B 372 -32.62 -9.73 9.20
N GLU B 373 -31.92 -10.61 9.92
CA GLU B 373 -32.57 -11.71 10.62
C GLU B 373 -33.33 -11.31 11.88
N SER B 374 -33.01 -10.14 12.44
CA SER B 374 -33.67 -9.67 13.65
C SER B 374 -34.71 -8.60 13.42
N ASN B 375 -35.09 -8.38 12.16
CA ASN B 375 -36.11 -7.40 11.82
C ASN B 375 -35.80 -6.01 12.39
N LYS B 376 -34.55 -5.57 12.24
CA LYS B 376 -34.13 -4.26 12.73
C LYS B 376 -34.44 -3.14 11.72
N SER B 377 -34.54 -1.91 12.21
CA SER B 377 -34.89 -0.76 11.38
C SER B 377 -33.77 -0.21 10.47
N THR B 378 -32.53 -0.63 10.71
CA THR B 378 -31.41 -0.19 9.89
C THR B 378 -30.43 -1.34 9.71
N PHE B 379 -29.46 -1.16 8.83
CA PHE B 379 -28.43 -2.18 8.58
C PHE B 379 -27.43 -2.17 9.72
N GLY B 380 -27.62 -1.24 10.66
CA GLY B 380 -26.75 -1.14 11.81
C GLY B 380 -27.50 -1.62 13.05
N GLU B 381 -28.19 -2.73 12.89
CA GLU B 381 -28.99 -3.34 13.96
C GLU B 381 -29.92 -2.36 14.68
N GLY B 382 -30.45 -1.40 13.93
CA GLY B 382 -31.36 -0.44 14.52
C GLY B 382 -30.80 0.94 14.81
N SER B 383 -29.47 1.06 14.83
CA SER B 383 -28.82 2.34 15.10
C SER B 383 -28.49 3.03 13.79
N GLU B 384 -28.50 4.35 13.79
CA GLU B 384 -28.21 5.10 12.57
C GLU B 384 -26.70 5.24 12.33
N TRP B 385 -25.95 5.54 13.38
CA TRP B 385 -24.50 5.72 13.27
C TRP B 385 -23.74 4.59 13.95
N GLY B 386 -22.52 4.34 13.48
CA GLY B 386 -21.71 3.29 14.06
C GLY B 386 -20.24 3.42 13.74
N PHE B 387 -19.42 2.64 14.45
CA PHE B 387 -17.98 2.66 14.25
C PHE B 387 -17.43 1.32 13.78
N LEU B 388 -16.55 1.36 12.79
CA LEU B 388 -15.88 0.16 12.31
C LEU B 388 -14.47 0.42 12.83
N ILE B 389 -13.98 -0.47 13.68
CA ILE B 389 -12.67 -0.27 14.30
C ILE B 389 -11.66 -1.39 14.09
N GLY B 390 -10.46 -1.01 13.67
CA GLY B 390 -9.41 -1.98 13.47
C GLY B 390 -8.19 -1.54 14.27
N PHE B 391 -7.35 -2.48 14.68
CA PHE B 391 -6.14 -2.13 15.41
C PHE B 391 -5.02 -3.11 15.13
N GLY B 392 -3.79 -2.67 15.34
CA GLY B 392 -2.65 -3.52 15.08
C GLY B 392 -1.32 -2.82 15.35
N PRO B 393 -0.23 -3.31 14.75
CA PRO B 393 1.14 -2.80 14.88
C PRO B 393 1.31 -1.28 15.00
N GLY B 394 2.30 -0.91 15.81
CA GLY B 394 2.61 0.48 16.07
C GLY B 394 1.66 0.89 17.15
N LEU B 395 0.65 0.04 17.31
CA LEU B 395 -0.44 0.24 18.23
C LEU B 395 -1.19 1.38 17.55
N THR B 396 -1.67 1.03 16.37
CA THR B 396 -2.44 1.93 15.54
C THR B 396 -3.89 1.52 15.71
N VAL B 397 -4.77 2.50 15.82
CA VAL B 397 -6.19 2.22 15.89
C VAL B 397 -6.77 2.97 14.70
N GLU B 398 -7.47 2.24 13.83
CA GLU B 398 -8.09 2.83 12.66
C GLU B 398 -9.59 2.80 12.88
N THR B 399 -10.28 3.84 12.42
CA THR B 399 -11.72 3.90 12.61
C THR B 399 -12.44 4.64 11.50
N LEU B 400 -13.65 4.19 11.21
CA LEU B 400 -14.50 4.83 10.23
C LEU B 400 -15.85 5.04 10.89
N LEU B 401 -16.47 6.18 10.60
CA LEU B 401 -17.79 6.48 11.13
C LEU B 401 -18.72 6.12 10.00
N LEU B 402 -19.64 5.20 10.26
CA LEU B 402 -20.58 4.76 9.26
C LEU B 402 -22.01 5.13 9.61
N ARG B 403 -22.82 5.43 8.58
CA ARG B 403 -24.23 5.71 8.79
C ARG B 403 -24.93 4.55 8.09
N ALA B 404 -25.78 3.84 8.82
CA ALA B 404 -26.50 2.70 8.26
C ALA B 404 -27.81 3.15 7.63
N LEU B 405 -28.10 2.64 6.42
CA LEU B 405 -29.33 2.99 5.72
C LEU B 405 -30.52 2.28 6.33
N PRO B 406 -31.74 2.82 6.10
CA PRO B 406 -32.97 2.23 6.65
C PRO B 406 -33.18 0.83 6.09
N LEU B 407 -33.79 -0.03 6.92
CA LEU B 407 -34.07 -1.40 6.53
C LEU B 407 -35.56 -1.64 6.78
N GLN B 408 -36.25 -2.12 5.75
CA GLN B 408 -37.68 -2.41 5.82
C GLN B 408 -37.97 -3.45 6.91
N GLN B 409 -39.03 -3.23 7.68
CA GLN B 409 -39.40 -4.17 8.74
C GLN B 409 -40.74 -4.83 8.43
N ALA B 410 -40.95 -6.02 8.99
CA ALA B 410 -42.18 -6.78 8.78
C ALA B 410 -43.41 -5.97 9.22
S SO4 C . 4.18 9.54 16.11
O1 SO4 C . 3.29 10.71 16.12
O2 SO4 C . 5.10 9.65 14.96
O3 SO4 C . 4.96 9.49 17.36
O4 SO4 C . 3.37 8.31 15.99
S SO4 D . 5.72 31.02 6.20
O1 SO4 D . 5.64 31.07 7.67
O2 SO4 D . 4.54 30.31 5.67
O3 SO4 D . 5.76 32.39 5.67
O4 SO4 D . 6.95 30.30 5.80
C1 GOL E . 13.20 -6.65 11.37
O1 GOL E . 13.46 -7.83 10.31
C2 GOL E . 14.15 -5.71 11.78
O2 GOL E . 13.57 -4.76 12.54
C3 GOL E . 15.25 -6.20 11.65
O3 GOL E . 16.72 -6.61 11.96
NI NI F . -16.65 18.74 -36.30
S SO4 G . -28.61 -5.59 -12.97
O1 SO4 G . -30.03 -5.57 -13.37
O2 SO4 G . -27.77 -5.78 -14.18
O3 SO4 G . -28.25 -4.31 -12.34
O4 SO4 G . -28.37 -6.71 -12.05
S SO4 H . -9.56 -30.69 14.36
O1 SO4 H . -9.28 -31.72 15.37
O2 SO4 H . -11.02 -30.52 14.20
O3 SO4 H . -8.96 -29.40 14.78
O4 SO4 H . -8.97 -31.10 13.07
C1 GOL I . -20.66 -10.08 -13.27
O1 GOL I . -19.49 -9.45 -14.17
C2 GOL I . -20.62 -11.31 -12.62
O2 GOL I . -19.36 -11.79 -12.60
C3 GOL I . -21.74 -11.75 -12.57
O3 GOL I . -22.92 -12.78 -12.40
#